data_4P1W
#
_entry.id   4P1W
#
_cell.length_a   148.348
_cell.length_b   63.989
_cell.length_c   184.600
_cell.angle_alpha   90.00
_cell.angle_beta   109.25
_cell.angle_gamma   90.00
#
_symmetry.space_group_name_H-M   'P 1 21 1'
#
loop_
_entity.id
_entity.type
_entity.pdbx_description
1 polymer Atg29
2 polymer Atg31
3 polymer Atg17
4 polymer 'Atg13 17BR'
#
loop_
_entity_poly.entity_id
_entity_poly.type
_entity_poly.pdbx_seq_one_letter_code
_entity_poly.pdbx_strand_id
1 'polypeptide(L)'
;MNSENTIVYVRVAGRARNGFVDPLKFYWDLERDRSLWSSVSKL(UNK)(UNK)(UNK)(UNK)(UNK)(UNK)(UNK)
(UNK)(UNK)(UNK)(UNK)(UNK)(UNK)(UNK)(UNK)(UNK)(UNK)(UNK)(UNK)(UNK)(UNK)(UNK)(UNK)
(UNK)(UNK)(UNK)(UNK)(UNK)(UNK)(UNK)(UNK)
;
A,D
2 'polypeptide(L)'
;MSSEANPPVLEPFTVTVVDRNVKHQVEGEPEEEGHPDHEVQGVMFATNVKYIFEDDQELLPEQEDPAIENVVIIEADESL
RVTQVELISDQFKQVGYEVRDGNEVCIDALSRFETPRQLGNLPLEKLVQLYKLQNDQLHSLFNTLHHHHHH
;
B,E
3 'polypeptide(L)'
;MNEAVIEKLLENSRKFLTGAKLICQESNDHLTTTKLRIREWQKFQSKLHFVLDCIQQQTKFLSEILLREGIGRNLIEEEW
SQTVLVRLVNDMKFWQNEITKMMNKLDNITNEIDQQHNSKLGDFISRDSSHILDSKLNEIPTIRKQVENITRQYQTMLAK
VQSQLVESRMKGLRDEFSSKFGDQCRENLKLNEEFTNEADQLEQELADFLKSFTDHFDKCSALSSRSVSPEDAQNLFEIV
ERDDKDLAAINSLLQDAAIDVASFVRKVNMLLDERDADKAKMQATLSKLLTELRKHEEYISVFEGISALIQKFKASCLED
IRQTRNLLDFYANFERSYHNLLKEVKRRKETAAKLSQILKSCETQLEQINTADLRERQMFLLENGNYLPETIWPDEIGSL
SPLYTLNYEVRKV
;
C,F
4 'polypeptide(L)' SKYSSSFGRLRRQ G
#
# COMPACT_ATOMS: atom_id res chain seq x y z
N MET A 1 -25.64 21.49 -99.03
CA MET A 1 -25.29 22.15 -97.74
C MET A 1 -23.79 22.11 -97.51
N ASN A 2 -23.05 22.54 -98.53
CA ASN A 2 -21.61 22.53 -98.52
C ASN A 2 -21.13 23.20 -99.79
N SER A 3 -21.55 24.47 -99.99
CA SER A 3 -21.07 25.33 -101.09
C SER A 3 -21.01 24.75 -102.51
N GLU A 4 -20.39 23.57 -102.65
CA GLU A 4 -20.51 22.77 -103.87
C GLU A 4 -21.87 22.06 -103.94
N ASN A 5 -22.49 21.83 -102.77
CA ASN A 5 -23.79 21.15 -102.69
C ASN A 5 -24.98 22.06 -102.87
N THR A 6 -25.00 23.17 -102.13
CA THR A 6 -26.17 24.04 -102.08
C THR A 6 -25.90 25.41 -102.68
N ILE A 7 -26.95 26.06 -103.19
CA ILE A 7 -26.90 27.46 -103.64
C ILE A 7 -28.09 28.28 -103.11
N VAL A 8 -27.84 29.55 -102.77
CA VAL A 8 -28.91 30.45 -102.35
C VAL A 8 -29.11 31.56 -103.38
N TYR A 9 -30.37 31.80 -103.71
CA TYR A 9 -30.72 32.93 -104.56
C TYR A 9 -31.43 33.94 -103.68
N VAL A 10 -30.90 35.16 -103.64
CA VAL A 10 -31.51 36.25 -102.90
C VAL A 10 -32.10 37.17 -103.93
N ARG A 11 -33.43 37.20 -104.01
CA ARG A 11 -34.09 38.02 -105.02
C ARG A 11 -34.81 39.18 -104.37
N VAL A 12 -34.53 40.39 -104.85
CA VAL A 12 -35.02 41.62 -104.22
C VAL A 12 -36.15 42.28 -105.02
N ALA A 13 -36.89 43.18 -104.38
CA ALA A 13 -38.00 43.84 -105.04
C ALA A 13 -37.55 44.98 -105.97
N GLY A 14 -37.42 46.19 -105.41
CA GLY A 14 -37.06 47.39 -106.19
C GLY A 14 -35.57 47.47 -106.44
N ARG A 15 -34.77 47.38 -105.38
CA ARG A 15 -33.32 47.58 -105.48
C ARG A 15 -32.64 46.70 -106.55
N ASN A 18 -28.15 47.00 -108.67
CA ASN A 18 -27.66 48.25 -109.30
C ASN A 18 -26.14 48.49 -109.23
N GLY A 19 -25.38 47.61 -109.89
CA GLY A 19 -23.91 47.61 -109.82
C GLY A 19 -23.40 46.96 -108.54
N PHE A 20 -23.93 45.78 -108.20
CA PHE A 20 -23.50 45.02 -107.02
C PHE A 20 -22.33 44.10 -107.38
N VAL A 21 -22.41 42.82 -106.98
CA VAL A 21 -21.25 41.97 -106.88
C VAL A 21 -21.67 40.72 -106.12
N ASP A 22 -22.16 39.73 -106.86
CA ASP A 22 -22.34 38.41 -106.29
C ASP A 22 -20.98 38.06 -105.71
N PRO A 23 -20.89 37.95 -104.37
CA PRO A 23 -19.58 37.71 -103.74
C PRO A 23 -18.97 36.35 -104.10
N LEU A 24 -17.65 36.29 -104.11
CA LEU A 24 -16.90 35.10 -104.52
C LEU A 24 -17.38 33.89 -103.72
N LYS A 25 -17.79 32.84 -104.43
CA LYS A 25 -18.12 31.56 -103.81
C LYS A 25 -16.99 31.10 -102.90
N PHE A 26 -17.31 30.72 -101.65
CA PHE A 26 -16.32 30.08 -100.77
C PHE A 26 -16.88 28.83 -100.08
N TYR A 27 -16.17 28.29 -99.08
CA TYR A 27 -16.56 27.03 -98.44
C TYR A 27 -16.54 27.14 -96.94
N TRP A 28 -17.61 26.69 -96.30
CA TRP A 28 -17.59 26.57 -94.86
C TRP A 28 -18.17 25.24 -94.37
N ASP A 29 -17.46 24.70 -93.40
CA ASP A 29 -17.67 23.38 -92.85
C ASP A 29 -17.84 23.64 -91.37
N LEU A 30 -18.52 22.75 -90.65
CA LEU A 30 -18.54 22.89 -89.21
C LEU A 30 -17.10 22.81 -88.72
N GLU A 31 -16.32 21.89 -89.30
CA GLU A 31 -14.89 21.74 -88.96
C GLU A 31 -14.16 23.09 -89.05
N ARG A 32 -14.36 23.80 -90.16
CA ARG A 32 -13.77 25.13 -90.32
C ARG A 32 -14.34 26.14 -89.27
N ASP A 33 -15.62 26.01 -88.90
CA ASP A 33 -16.25 26.86 -87.86
C ASP A 33 -15.75 26.53 -86.44
N ARG A 34 -15.48 25.26 -86.17
CA ARG A 34 -14.89 24.86 -84.89
C ARG A 34 -13.40 25.29 -84.79
N SER A 35 -12.70 25.32 -85.93
CA SER A 35 -11.28 25.68 -85.98
C SER A 35 -11.06 27.17 -85.68
N LEU A 36 -11.67 28.03 -86.50
CA LEU A 36 -11.57 29.48 -86.30
C LEU A 36 -12.07 29.91 -84.92
N TRP A 37 -13.01 29.17 -84.35
CA TRP A 37 -13.46 29.46 -82.98
C TRP A 37 -12.31 29.34 -81.98
N SER A 38 -11.52 28.26 -82.09
CA SER A 38 -10.32 28.06 -81.26
C SER A 38 -9.34 29.21 -81.46
N SER A 39 -9.14 29.59 -82.73
CA SER A 39 -8.29 30.71 -83.07
C SER A 39 -8.75 31.99 -82.41
N VAL A 40 -9.98 32.43 -82.69
CA VAL A 40 -10.54 33.66 -82.08
C VAL A 40 -10.70 33.55 -80.55
N SER A 41 -10.86 32.33 -80.05
CA SER A 41 -10.96 32.10 -78.60
C SER A 41 -9.66 32.46 -77.86
N LYS A 42 -8.51 32.33 -78.53
CA LYS A 42 -7.21 32.76 -77.98
C LYS A 42 -7.19 34.30 -77.75
N LEU A 43 -7.97 35.03 -78.55
CA LEU A 43 -8.30 36.43 -78.29
C LEU A 43 -9.48 36.53 -77.32
N UNK A 44 -5.54 40.57 -86.87
CA UNK A 44 -6.93 40.18 -86.61
C UNK A 44 -7.64 39.81 -87.91
N UNK A 45 -8.51 40.69 -88.41
CA UNK A 45 -9.29 40.41 -89.65
C UNK A 45 -8.46 40.25 -90.91
N UNK A 46 -7.29 40.88 -91.00
CA UNK A 46 -6.41 40.76 -92.17
C UNK A 46 -5.91 39.34 -92.37
N UNK A 47 -5.00 38.91 -91.50
CA UNK A 47 -4.41 37.57 -91.59
C UNK A 47 -5.43 36.47 -91.41
N UNK A 48 -6.46 36.74 -90.59
CA UNK A 48 -7.50 35.73 -90.29
C UNK A 48 -8.24 35.38 -91.56
N UNK A 49 -8.83 36.40 -92.20
CA UNK A 49 -9.60 36.22 -93.45
C UNK A 49 -8.76 35.57 -94.51
N UNK A 50 -7.54 36.08 -94.70
CA UNK A 50 -6.59 35.54 -95.69
C UNK A 50 -6.35 34.06 -95.51
N UNK A 51 -6.31 33.60 -94.26
CA UNK A 51 -6.05 32.19 -93.94
C UNK A 51 -7.21 31.27 -94.33
N UNK A 52 -8.46 31.71 -94.14
CA UNK A 52 -9.65 30.87 -94.44
C UNK A 52 -10.39 31.22 -95.76
N UNK A 53 -11.24 32.26 -95.75
CA UNK A 53 -11.79 32.81 -97.02
C UNK A 53 -12.35 34.23 -96.87
N UNK A 54 -13.67 34.41 -96.79
CA UNK A 54 -14.25 35.77 -96.82
C UNK A 54 -14.20 36.40 -95.46
N UNK A 55 -14.22 37.73 -95.41
CA UNK A 55 -13.90 38.49 -94.17
C UNK A 55 -15.12 38.89 -93.37
N UNK A 56 -16.10 39.50 -94.03
CA UNK A 56 -17.39 39.81 -93.39
C UNK A 56 -17.96 38.57 -92.75
N UNK A 57 -17.73 37.39 -93.37
CA UNK A 57 -18.15 36.08 -92.80
C UNK A 57 -17.38 35.85 -91.52
N UNK A 58 -16.04 35.86 -91.63
CA UNK A 58 -15.14 35.52 -90.51
C UNK A 58 -15.54 36.33 -89.28
N UNK A 59 -15.86 37.61 -89.52
CA UNK A 59 -16.24 38.56 -88.47
C UNK A 59 -17.60 38.29 -87.87
N UNK A 60 -18.59 38.06 -88.74
CA UNK A 60 -19.96 37.75 -88.31
C UNK A 60 -19.93 36.52 -87.43
N UNK A 61 -19.28 35.47 -87.94
CA UNK A 61 -19.21 34.19 -87.24
C UNK A 61 -18.59 34.42 -85.87
N UNK A 62 -17.43 35.06 -85.84
CA UNK A 62 -16.74 35.31 -84.57
C UNK A 62 -17.63 36.07 -83.61
N UNK A 63 -18.22 37.17 -84.11
CA UNK A 63 -19.12 38.04 -83.31
C UNK A 63 -20.30 37.26 -82.78
N UNK A 64 -20.88 36.42 -83.63
CA UNK A 64 -22.00 35.56 -83.23
C UNK A 64 -21.58 34.45 -82.28
N UNK A 65 -20.47 33.77 -82.58
CA UNK A 65 -19.99 32.63 -81.78
C UNK A 65 -19.55 33.09 -80.40
N UNK A 66 -19.08 34.33 -80.30
CA UNK A 66 -18.70 34.95 -78.99
C UNK A 66 -19.94 35.36 -78.24
N UNK A 67 -20.98 35.81 -78.97
CA UNK A 67 -22.31 36.11 -78.40
C UNK A 67 -22.92 34.91 -77.70
N UNK A 68 -22.74 33.72 -78.29
CA UNK A 68 -23.28 32.47 -77.75
C UNK A 68 -22.74 32.11 -76.38
N UNK A 69 -21.42 32.25 -76.19
CA UNK A 69 -20.77 31.99 -74.87
C UNK A 69 -21.11 33.07 -73.86
N UNK A 70 -21.51 34.25 -74.35
CA UNK A 70 -21.95 35.39 -73.50
C UNK A 70 -23.35 35.19 -72.91
N UNK A 71 -24.32 34.88 -73.78
CA UNK A 71 -25.68 34.56 -73.31
C UNK A 71 -25.65 33.38 -72.34
N UNK A 72 -24.74 32.44 -72.59
CA UNK A 72 -24.59 31.23 -71.76
C UNK A 72 -24.25 31.52 -70.31
N UNK A 73 -23.17 32.24 -70.07
CA UNK A 73 -22.75 32.57 -68.69
C UNK A 73 -23.83 33.30 -67.93
N UNK A 74 -24.45 34.29 -68.56
CA UNK A 74 -25.51 35.11 -67.92
C UNK A 74 -26.75 34.30 -67.67
N VAL B 9 -27.73 50.48 -97.61
CA VAL B 9 -27.13 49.16 -97.21
C VAL B 9 -26.84 48.30 -98.41
N LEU B 10 -26.05 47.25 -98.19
CA LEU B 10 -25.90 46.13 -99.12
C LEU B 10 -25.21 44.94 -98.45
N GLU B 11 -25.38 44.80 -97.13
CA GLU B 11 -24.65 43.81 -96.32
C GLU B 11 -24.86 42.40 -96.85
N PRO B 12 -23.77 41.67 -97.11
CA PRO B 12 -23.95 40.38 -97.76
C PRO B 12 -24.85 39.46 -96.93
N PHE B 13 -25.68 38.67 -97.61
CA PHE B 13 -26.55 37.71 -96.92
C PHE B 13 -25.75 36.50 -96.49
N THR B 14 -26.20 35.91 -95.39
CA THR B 14 -25.55 34.75 -94.82
C THR B 14 -26.65 33.78 -94.39
N VAL B 15 -26.42 32.50 -94.64
CA VAL B 15 -27.45 31.49 -94.53
C VAL B 15 -26.86 30.29 -93.82
N THR B 16 -27.59 29.77 -92.84
CA THR B 16 -27.19 28.51 -92.19
C THR B 16 -28.40 27.59 -91.95
N VAL B 17 -28.30 26.38 -92.49
CA VAL B 17 -29.28 25.36 -92.31
C VAL B 17 -28.85 24.38 -91.22
N VAL B 18 -29.71 24.18 -90.23
CA VAL B 18 -29.43 23.31 -89.10
C VAL B 18 -30.32 22.09 -89.11
N ASP B 19 -29.69 20.95 -89.30
CA ASP B 19 -30.37 19.67 -89.27
C ASP B 19 -30.51 19.21 -87.82
N ARG B 20 -31.72 18.88 -87.42
CA ARG B 20 -31.98 18.52 -86.03
C ARG B 20 -32.17 17.03 -85.86
N ASN B 21 -31.92 16.27 -86.92
CA ASN B 21 -32.12 14.81 -86.90
C ASN B 21 -31.45 14.24 -85.69
N VAL B 22 -32.14 13.39 -84.98
CA VAL B 22 -31.67 12.85 -83.75
C VAL B 22 -30.56 11.87 -84.03
N LYS B 23 -29.53 12.32 -84.72
CA LYS B 23 -28.28 11.57 -84.79
C LYS B 23 -27.22 12.52 -84.20
N HIS B 24 -27.46 12.81 -82.93
CA HIS B 24 -26.49 13.38 -82.01
C HIS B 24 -26.03 12.27 -81.06
N GLN B 25 -26.53 11.05 -81.30
CA GLN B 25 -26.14 9.81 -80.59
C GLN B 25 -24.67 9.42 -80.83
N VAL B 26 -24.19 9.64 -82.06
CA VAL B 26 -22.78 9.45 -82.41
C VAL B 26 -21.80 10.38 -81.66
N GLU B 27 -22.26 11.55 -81.24
CA GLU B 27 -21.41 12.57 -80.62
C GLU B 27 -21.02 12.32 -79.16
N GLY B 28 -20.06 13.11 -78.68
CA GLY B 28 -19.52 13.02 -77.32
C GLY B 28 -18.23 13.83 -77.24
N GLU B 29 -18.37 15.15 -77.28
CA GLU B 29 -17.26 16.07 -77.57
C GLU B 29 -16.45 16.57 -76.34
N PRO B 30 -15.16 16.17 -76.24
CA PRO B 30 -14.37 16.42 -75.01
C PRO B 30 -13.97 17.88 -74.74
N GLU B 31 -13.76 18.69 -75.77
CA GLU B 31 -13.36 20.09 -75.59
C GLU B 31 -14.52 20.98 -75.06
N GLU B 32 -15.72 20.82 -75.61
CA GLU B 32 -16.88 21.64 -75.26
C GLU B 32 -16.69 23.12 -75.61
N PRO B 36 -22.18 25.22 -78.57
CA PRO B 36 -23.13 24.84 -79.61
C PRO B 36 -22.49 24.39 -80.94
N ASP B 37 -21.23 24.73 -81.18
CA ASP B 37 -20.59 24.47 -82.49
C ASP B 37 -20.42 22.98 -82.71
N HIS B 38 -19.43 22.39 -82.03
CA HIS B 38 -19.06 21.00 -82.31
C HIS B 38 -19.71 20.00 -81.36
N GLU B 39 -20.56 20.49 -80.46
CA GLU B 39 -21.23 19.60 -79.51
C GLU B 39 -21.94 18.45 -80.24
N VAL B 40 -22.87 18.80 -81.12
CA VAL B 40 -23.62 17.85 -81.91
C VAL B 40 -23.61 18.34 -83.36
N GLN B 41 -23.10 17.52 -84.28
CA GLN B 41 -23.08 17.91 -85.71
C GLN B 41 -24.48 18.17 -86.23
N GLY B 42 -24.61 19.20 -87.06
CA GLY B 42 -25.93 19.56 -87.58
C GLY B 42 -25.98 20.85 -88.38
N VAL B 43 -25.20 21.84 -87.95
CA VAL B 43 -25.21 23.15 -88.58
C VAL B 43 -24.43 23.05 -89.87
N MET B 44 -25.00 23.68 -90.89
CA MET B 44 -24.48 23.65 -92.25
C MET B 44 -24.47 25.09 -92.79
N PHE B 45 -23.66 25.34 -93.83
CA PHE B 45 -23.45 26.71 -94.31
C PHE B 45 -23.62 26.89 -95.80
N ALA B 46 -24.60 27.69 -96.19
CA ALA B 46 -24.80 27.99 -97.59
C ALA B 46 -23.95 29.20 -97.91
N THR B 47 -22.94 28.97 -98.75
CA THR B 47 -21.91 29.95 -99.04
C THR B 47 -21.92 30.40 -100.50
N ASN B 48 -22.60 29.64 -101.35
CA ASN B 48 -22.80 29.98 -102.76
C ASN B 48 -24.05 30.87 -102.86
N VAL B 49 -23.89 32.15 -102.52
CA VAL B 49 -25.01 33.11 -102.52
C VAL B 49 -25.05 33.96 -103.79
N LYS B 50 -26.04 33.68 -104.65
CA LYS B 50 -26.25 34.44 -105.88
C LYS B 50 -27.48 35.36 -105.71
N TYR B 51 -27.42 36.56 -106.30
CA TYR B 51 -28.52 37.52 -106.16
C TYR B 51 -29.26 37.80 -107.47
N ILE B 52 -30.53 38.14 -107.32
CA ILE B 52 -31.45 38.34 -108.43
C ILE B 52 -32.31 39.56 -108.12
N PHE B 53 -32.63 40.34 -109.16
CA PHE B 53 -33.39 41.56 -109.01
C PHE B 53 -34.64 41.53 -109.91
N GLU B 54 -35.74 41.02 -109.34
CA GLU B 54 -36.97 40.69 -110.08
C GLU B 54 -37.63 41.90 -110.73
N ASP B 55 -38.19 42.77 -109.90
CA ASP B 55 -38.81 44.00 -110.36
C ASP B 55 -37.76 44.99 -110.90
N ASP B 56 -36.48 44.69 -110.65
CA ASP B 56 -35.36 45.43 -111.25
C ASP B 56 -34.82 44.72 -112.50
N GLN B 57 -33.71 45.23 -113.02
CA GLN B 57 -33.03 44.75 -114.24
C GLN B 57 -33.41 43.36 -114.81
N GLU B 58 -34.71 43.07 -114.93
CA GLU B 58 -35.19 41.75 -115.41
C GLU B 58 -34.08 40.68 -115.41
N LEU B 59 -33.55 40.37 -114.22
CA LEU B 59 -32.34 39.53 -114.08
C LEU B 59 -32.65 38.02 -114.06
N LEU B 60 -33.92 37.65 -113.88
CA LEU B 60 -34.43 36.24 -113.89
C LEU B 60 -33.62 35.23 -113.06
N PRO B 61 -34.28 34.15 -112.58
CA PRO B 61 -33.59 33.13 -111.78
C PRO B 61 -32.76 32.17 -112.65
N GLU B 62 -32.40 31.01 -112.12
CA GLU B 62 -31.75 29.99 -112.95
C GLU B 62 -32.79 29.27 -113.76
N GLN B 63 -32.34 28.40 -114.66
CA GLN B 63 -33.24 27.52 -115.39
C GLN B 63 -32.82 26.05 -115.27
N GLU B 64 -31.76 25.76 -114.50
CA GLU B 64 -31.19 24.41 -114.35
C GLU B 64 -29.75 24.53 -113.82
N ASP B 65 -29.45 23.84 -112.73
CA ASP B 65 -28.16 23.96 -112.03
C ASP B 65 -27.32 22.67 -112.19
N PRO B 66 -26.00 22.79 -112.46
CA PRO B 66 -25.18 21.61 -112.84
C PRO B 66 -24.82 20.64 -111.70
N ALA B 67 -25.75 19.72 -111.38
CA ALA B 67 -25.54 18.75 -110.29
C ALA B 67 -25.45 19.40 -108.88
N ILE B 68 -26.40 20.32 -108.61
CA ILE B 68 -26.57 20.99 -107.32
C ILE B 68 -27.75 20.37 -106.59
N GLU B 69 -27.51 19.84 -105.40
CA GLU B 69 -28.50 19.04 -104.68
C GLU B 69 -29.50 19.86 -103.85
N ASN B 70 -29.22 21.14 -103.66
CA ASN B 70 -29.94 21.96 -102.66
C ASN B 70 -30.05 23.43 -103.01
N VAL B 71 -31.28 23.93 -103.04
CA VAL B 71 -31.52 25.32 -103.36
C VAL B 71 -32.25 26.03 -102.20
N VAL B 72 -31.94 27.31 -102.03
CA VAL B 72 -32.58 28.14 -101.00
C VAL B 72 -33.03 29.47 -101.58
N ILE B 73 -34.33 29.68 -101.73
CA ILE B 73 -34.81 30.91 -102.30
C ILE B 73 -35.19 31.87 -101.19
N ILE B 74 -34.45 32.98 -101.09
CA ILE B 74 -34.74 34.03 -100.12
C ILE B 74 -35.42 35.23 -100.78
N GLU B 75 -36.73 35.30 -100.63
CA GLU B 75 -37.54 36.39 -101.15
C GLU B 75 -37.29 37.59 -100.24
N ALA B 76 -36.80 38.68 -100.83
CA ALA B 76 -36.45 39.90 -100.08
C ALA B 76 -37.19 41.15 -100.55
N ASP B 77 -37.33 42.04 -99.59
CA ASP B 77 -37.99 43.32 -99.77
C ASP B 77 -37.21 44.21 -100.71
N GLU B 78 -37.64 45.46 -100.82
CA GLU B 78 -36.86 46.49 -101.47
C GLU B 78 -35.96 47.20 -100.46
N SER B 79 -36.19 46.91 -99.18
CA SER B 79 -35.30 47.28 -98.10
C SER B 79 -34.54 46.06 -97.63
N LEU B 80 -34.63 44.96 -98.38
CA LEU B 80 -34.04 43.67 -97.97
C LEU B 80 -34.58 43.21 -96.61
N ARG B 81 -35.86 42.86 -96.52
CA ARG B 81 -36.46 42.47 -95.25
C ARG B 81 -36.63 40.98 -95.14
N VAL B 82 -36.66 40.28 -96.27
CA VAL B 82 -36.86 38.85 -96.27
C VAL B 82 -38.33 38.61 -95.98
N THR B 83 -39.11 38.56 -97.04
CA THR B 83 -40.52 38.25 -96.92
C THR B 83 -40.76 36.73 -96.92
N GLN B 84 -39.79 35.94 -97.36
CA GLN B 84 -39.94 34.48 -97.41
C GLN B 84 -38.58 33.77 -97.60
N VAL B 85 -38.42 32.62 -96.95
CA VAL B 85 -37.28 31.75 -97.22
C VAL B 85 -37.80 30.33 -97.54
N GLU B 86 -37.25 29.72 -98.58
CA GLU B 86 -37.73 28.44 -99.01
C GLU B 86 -36.55 27.52 -99.24
N LEU B 87 -36.75 26.26 -98.89
CA LEU B 87 -35.70 25.28 -98.98
C LEU B 87 -36.15 24.26 -100.00
N ILE B 88 -35.31 24.04 -101.00
CA ILE B 88 -35.64 23.10 -102.10
C ILE B 88 -34.62 21.98 -102.13
N SER B 89 -34.95 20.88 -101.46
CA SER B 89 -34.07 19.74 -101.43
C SER B 89 -34.82 18.47 -101.15
N ASP B 90 -34.30 17.37 -101.69
CA ASP B 90 -34.81 16.03 -101.39
C ASP B 90 -34.32 15.58 -100.05
N GLN B 91 -33.08 15.91 -99.74
CA GLN B 91 -32.40 15.39 -98.58
C GLN B 91 -32.92 16.02 -97.31
N PHE B 92 -32.92 17.37 -97.26
CA PHE B 92 -33.41 18.12 -96.09
C PHE B 92 -34.69 18.87 -96.37
N LYS B 93 -35.56 18.97 -95.37
CA LYS B 93 -36.83 19.66 -95.51
C LYS B 93 -36.90 20.72 -94.47
N GLN B 94 -37.35 21.92 -94.82
CA GLN B 94 -37.39 22.97 -93.79
C GLN B 94 -38.64 22.89 -92.93
N VAL B 95 -38.46 23.29 -91.69
CA VAL B 95 -39.52 23.31 -90.69
C VAL B 95 -39.69 24.68 -90.08
N GLY B 96 -38.66 25.50 -90.21
CA GLY B 96 -38.61 26.79 -89.55
C GLY B 96 -37.59 27.66 -90.26
N TYR B 97 -37.29 28.80 -89.67
CA TYR B 97 -36.75 29.91 -90.41
C TYR B 97 -36.81 31.04 -89.43
N GLU B 98 -35.63 31.53 -89.09
CA GLU B 98 -35.54 32.71 -88.25
C GLU B 98 -34.55 33.62 -88.93
N VAL B 99 -34.84 34.92 -88.94
CA VAL B 99 -33.97 35.87 -89.62
C VAL B 99 -33.41 36.88 -88.62
N ARG B 100 -32.08 36.87 -88.46
CA ARG B 100 -31.39 37.62 -87.41
C ARG B 100 -30.73 38.91 -87.95
N ASP B 101 -30.67 39.93 -87.08
CA ASP B 101 -30.17 41.26 -87.44
C ASP B 101 -29.03 41.16 -88.43
N GLY B 102 -29.20 41.81 -89.57
CA GLY B 102 -28.13 41.89 -90.55
C GLY B 102 -28.15 40.74 -91.54
N ASN B 103 -29.34 40.30 -91.90
CA ASN B 103 -29.46 39.30 -92.92
C ASN B 103 -28.62 38.07 -92.62
N GLU B 104 -28.78 37.59 -91.40
CA GLU B 104 -28.38 36.27 -90.98
C GLU B 104 -29.68 35.46 -90.99
N VAL B 105 -29.79 34.50 -91.91
CA VAL B 105 -30.96 33.63 -92.03
C VAL B 105 -30.60 32.24 -91.54
N CYS B 106 -31.32 31.73 -90.53
CA CYS B 106 -31.10 30.36 -90.04
C CYS B 106 -32.34 29.50 -90.31
N ILE B 107 -32.16 28.39 -91.03
CA ILE B 107 -33.27 27.51 -91.41
C ILE B 107 -33.26 26.16 -90.66
N ASP B 108 -34.28 25.91 -89.82
CA ASP B 108 -34.46 24.62 -89.13
C ASP B 108 -34.88 23.56 -90.09
N ALA B 109 -33.99 22.66 -90.43
CA ALA B 109 -34.39 21.59 -91.31
C ALA B 109 -34.31 20.23 -90.64
N LEU B 110 -34.37 19.19 -91.46
CA LEU B 110 -34.45 17.83 -90.95
C LEU B 110 -34.00 16.86 -92.00
N SER B 111 -33.07 15.98 -91.66
CA SER B 111 -32.73 14.95 -92.60
C SER B 111 -33.63 13.78 -92.33
N ARG B 112 -33.49 12.77 -93.16
CA ARG B 112 -34.47 11.74 -93.32
C ARG B 112 -35.06 11.12 -92.02
N PHE B 113 -34.25 10.66 -91.07
CA PHE B 113 -34.73 9.81 -89.92
C PHE B 113 -34.14 8.44 -90.17
N GLU B 114 -32.99 8.15 -89.59
CA GLU B 114 -32.35 6.87 -89.79
C GLU B 114 -32.66 5.97 -88.59
N THR B 115 -32.13 4.76 -88.66
CA THR B 115 -32.09 3.85 -87.53
C THR B 115 -30.80 3.03 -87.62
N PRO B 116 -29.66 3.63 -87.24
CA PRO B 116 -28.43 2.85 -87.26
C PRO B 116 -28.48 1.81 -86.15
N ARG B 117 -27.64 0.78 -86.23
CA ARG B 117 -27.46 -0.16 -85.11
C ARG B 117 -26.68 0.55 -83.97
N GLN B 118 -25.82 1.49 -84.34
CA GLN B 118 -25.08 2.33 -83.39
C GLN B 118 -25.88 2.76 -82.15
N LEU B 119 -27.17 3.02 -82.32
CA LEU B 119 -27.97 3.52 -81.19
C LEU B 119 -28.70 2.43 -80.41
N GLY B 120 -28.76 1.21 -80.93
CA GLY B 120 -29.21 0.08 -80.10
C GLY B 120 -28.37 -0.11 -78.83
N ASN B 121 -27.15 0.45 -78.85
CA ASN B 121 -26.27 0.56 -77.69
C ASN B 121 -26.44 1.91 -76.95
N LEU B 122 -27.70 2.30 -76.73
CA LEU B 122 -28.01 3.40 -75.81
C LEU B 122 -28.95 2.93 -74.68
N PRO B 123 -28.94 3.69 -73.56
CA PRO B 123 -29.87 3.45 -72.46
C PRO B 123 -31.31 3.64 -72.87
N LEU B 124 -32.18 2.77 -72.38
CA LEU B 124 -33.62 2.88 -72.64
C LEU B 124 -34.08 4.31 -72.37
N GLU B 125 -33.76 4.85 -71.20
CA GLU B 125 -34.13 6.22 -70.90
C GLU B 125 -33.90 7.19 -72.07
N LYS B 126 -32.71 7.14 -72.68
CA LYS B 126 -32.35 8.03 -73.78
C LYS B 126 -33.06 7.64 -75.09
N LEU B 127 -33.12 6.34 -75.34
CA LEU B 127 -33.89 5.83 -76.46
C LEU B 127 -35.33 6.31 -76.40
N VAL B 128 -35.93 6.31 -75.20
CA VAL B 128 -37.30 6.83 -75.07
C VAL B 128 -37.28 8.30 -75.37
N GLN B 129 -36.36 9.01 -74.76
CA GLN B 129 -36.30 10.43 -74.99
C GLN B 129 -36.17 10.75 -76.49
N LEU B 130 -35.41 9.96 -77.24
CA LEU B 130 -35.34 10.18 -78.68
C LEU B 130 -36.67 9.95 -79.38
N TYR B 131 -37.23 8.77 -79.15
CA TYR B 131 -38.52 8.43 -79.72
C TYR B 131 -39.51 9.57 -79.58
N LYS B 132 -39.65 10.08 -78.35
CA LYS B 132 -40.53 11.23 -78.04
C LYS B 132 -40.14 12.41 -78.90
N LEU B 133 -38.85 12.69 -78.97
CA LEU B 133 -38.39 13.80 -79.78
C LEU B 133 -38.70 13.60 -81.26
N GLN B 134 -38.54 12.40 -81.78
CA GLN B 134 -38.80 12.18 -83.20
C GLN B 134 -40.29 12.24 -83.51
N ASN B 135 -41.12 12.01 -82.50
CA ASN B 135 -42.53 12.29 -82.63
C ASN B 135 -42.80 13.76 -82.76
N ASP B 136 -42.16 14.55 -81.93
CA ASP B 136 -42.21 15.99 -82.11
C ASP B 136 -41.77 16.38 -83.52
N GLN B 137 -40.59 15.91 -83.92
CA GLN B 137 -40.08 16.22 -85.26
C GLN B 137 -41.11 15.82 -86.34
N LEU B 138 -41.86 14.73 -86.11
CA LEU B 138 -42.84 14.28 -87.09
C LEU B 138 -43.94 15.29 -87.16
N HIS B 139 -44.48 15.64 -86.00
CA HIS B 139 -45.55 16.63 -85.92
C HIS B 139 -45.19 17.95 -86.59
N SER B 140 -43.98 18.44 -86.36
CA SER B 140 -43.53 19.56 -87.14
C SER B 140 -43.65 19.31 -88.65
N LEU B 141 -43.10 18.21 -89.15
CA LEU B 141 -43.11 17.93 -90.58
C LEU B 141 -44.52 17.85 -91.16
N PHE B 142 -45.40 17.17 -90.43
CA PHE B 142 -46.79 16.97 -90.84
C PHE B 142 -47.48 18.31 -90.99
N ASN B 143 -47.22 19.21 -90.05
CA ASN B 143 -47.77 20.55 -90.13
C ASN B 143 -47.15 21.46 -91.17
N THR B 144 -46.39 20.91 -92.13
CA THR B 144 -45.92 21.70 -93.27
C THR B 144 -46.54 21.18 -94.56
N LEU B 145 -47.62 20.41 -94.44
CA LEU B 145 -48.37 19.96 -95.63
C LEU B 145 -49.51 20.94 -95.94
N HIS B 146 -50.06 21.60 -94.92
CA HIS B 146 -51.21 22.51 -95.10
C HIS B 146 -51.03 23.53 -96.24
N ASN C 2 -52.35 61.87 -144.76
CA ASN C 2 -52.42 63.18 -144.03
C ASN C 2 -51.92 63.04 -142.59
N GLU C 3 -51.48 64.14 -141.99
CA GLU C 3 -51.28 64.21 -140.53
C GLU C 3 -52.64 64.26 -139.79
N ALA C 4 -53.73 64.21 -140.55
CA ALA C 4 -55.08 63.94 -140.07
C ALA C 4 -55.28 62.44 -139.87
N VAL C 5 -54.96 61.68 -140.93
CA VAL C 5 -55.13 60.22 -140.96
C VAL C 5 -54.07 59.51 -140.09
N ILE C 6 -53.03 60.21 -139.67
CA ILE C 6 -52.08 59.66 -138.69
C ILE C 6 -52.81 59.34 -137.38
N GLU C 7 -53.52 60.31 -136.82
CA GLU C 7 -54.20 60.15 -135.54
C GLU C 7 -55.40 59.20 -135.63
N LYS C 8 -55.86 58.94 -136.86
CA LYS C 8 -56.82 57.85 -137.07
C LYS C 8 -56.12 56.50 -136.85
N LEU C 9 -54.86 56.39 -137.30
CA LEU C 9 -54.09 55.16 -137.11
C LEU C 9 -53.63 54.98 -135.64
N LEU C 10 -53.22 56.08 -135.00
CA LEU C 10 -52.81 56.04 -133.60
C LEU C 10 -53.98 55.66 -132.68
N GLU C 11 -55.14 56.29 -132.86
CA GLU C 11 -56.32 55.95 -132.06
C GLU C 11 -56.65 54.45 -132.17
N ASN C 12 -56.71 53.93 -133.39
CA ASN C 12 -56.97 52.50 -133.62
C ASN C 12 -55.87 51.60 -133.08
N SER C 13 -54.63 52.10 -133.04
CA SER C 13 -53.54 51.33 -132.43
C SER C 13 -53.76 51.26 -130.94
N ARG C 14 -54.14 52.38 -130.36
CA ARG C 14 -54.35 52.47 -128.92
C ARG C 14 -55.57 51.62 -128.52
N LYS C 15 -56.61 51.63 -129.35
CA LYS C 15 -57.80 50.80 -129.12
C LYS C 15 -57.41 49.34 -128.92
N PHE C 16 -56.76 48.77 -129.93
CA PHE C 16 -56.38 47.35 -129.89
C PHE C 16 -55.36 47.00 -128.80
N LEU C 17 -54.49 47.94 -128.47
CA LEU C 17 -53.48 47.70 -127.47
C LEU C 17 -54.18 47.65 -126.14
N THR C 18 -54.87 48.71 -125.77
CA THR C 18 -55.55 48.73 -124.46
C THR C 18 -56.43 47.50 -124.35
N GLY C 19 -57.13 47.19 -125.43
CA GLY C 19 -58.00 46.03 -125.48
C GLY C 19 -57.24 44.77 -125.18
N ALA C 20 -56.07 44.63 -125.78
CA ALA C 20 -55.24 43.44 -125.61
C ALA C 20 -54.65 43.32 -124.23
N LYS C 21 -54.49 44.42 -123.51
CA LYS C 21 -54.00 44.34 -122.13
C LYS C 21 -55.04 43.74 -121.23
N LEU C 22 -56.33 44.02 -121.49
CA LEU C 22 -57.47 43.45 -120.74
C LEU C 22 -57.62 41.98 -120.99
N ILE C 23 -57.37 41.57 -122.21
CA ILE C 23 -57.48 40.17 -122.59
C ILE C 23 -56.28 39.34 -122.06
N CYS C 24 -55.06 39.88 -122.16
CA CYS C 24 -53.86 39.19 -121.65
C CYS C 24 -53.82 39.19 -120.15
N GLN C 25 -54.24 40.28 -119.55
CA GLN C 25 -54.24 40.38 -118.09
C GLN C 25 -55.13 39.34 -117.45
N GLU C 26 -56.29 39.03 -118.06
CA GLU C 26 -57.16 37.99 -117.54
C GLU C 26 -56.50 36.64 -117.61
N SER C 27 -56.01 36.32 -118.80
CA SER C 27 -55.47 35.01 -119.10
C SER C 27 -54.13 34.70 -118.41
N ASN C 28 -53.30 35.72 -118.22
CA ASN C 28 -52.05 35.54 -117.50
C ASN C 28 -52.28 35.25 -116.04
N ASP C 29 -53.16 36.02 -115.41
CA ASP C 29 -53.59 35.69 -114.06
C ASP C 29 -53.94 34.20 -113.96
N HIS C 30 -54.79 33.72 -114.89
CA HIS C 30 -55.21 32.31 -114.85
C HIS C 30 -53.99 31.45 -114.92
N LEU C 31 -53.12 31.69 -115.88
CA LEU C 31 -51.89 30.93 -115.91
C LEU C 31 -51.08 30.99 -114.62
N THR C 32 -50.67 32.16 -114.19
CA THR C 32 -49.72 32.20 -113.07
C THR C 32 -50.32 31.58 -111.82
N THR C 33 -51.63 31.66 -111.62
CA THR C 33 -52.24 30.99 -110.47
C THR C 33 -52.11 29.48 -110.63
N THR C 34 -52.53 28.98 -111.77
CA THR C 34 -52.45 27.57 -112.05
C THR C 34 -51.02 27.01 -112.00
N LYS C 35 -50.08 27.73 -112.60
CA LYS C 35 -48.67 27.34 -112.54
C LYS C 35 -48.19 27.21 -111.09
N LEU C 36 -48.90 27.88 -110.20
CA LEU C 36 -48.59 27.88 -108.78
C LEU C 36 -49.31 26.75 -108.04
N ARG C 37 -50.52 26.41 -108.48
CA ARG C 37 -51.25 25.28 -107.88
C ARG C 37 -50.51 24.02 -108.17
N ILE C 38 -50.11 23.90 -109.43
CA ILE C 38 -49.23 22.84 -109.88
C ILE C 38 -47.95 22.73 -109.04
N ARG C 39 -47.20 23.82 -108.97
CA ARG C 39 -45.96 23.83 -108.23
C ARG C 39 -46.23 23.59 -106.76
N GLU C 40 -47.36 24.03 -106.23
CA GLU C 40 -47.66 23.83 -104.81
C GLU C 40 -47.97 22.38 -104.50
N TRP C 41 -48.70 21.76 -105.41
CA TRP C 41 -49.00 20.35 -105.27
C TRP C 41 -47.71 19.53 -105.43
N GLN C 42 -46.83 19.91 -106.36
CA GLN C 42 -45.55 19.20 -106.51
C GLN C 42 -44.77 19.12 -105.20
N LYS C 43 -44.67 20.24 -104.53
CA LYS C 43 -44.00 20.30 -103.24
C LYS C 43 -44.71 19.42 -102.21
N PHE C 44 -46.03 19.37 -102.25
CA PHE C 44 -46.79 18.52 -101.33
C PHE C 44 -46.44 17.05 -101.49
N GLN C 45 -46.44 16.56 -102.72
CA GLN C 45 -46.10 15.16 -102.95
C GLN C 45 -44.72 14.91 -102.36
N SER C 46 -43.77 15.80 -102.57
CA SER C 46 -42.46 15.55 -101.98
C SER C 46 -42.49 15.45 -100.45
N LYS C 47 -43.08 16.45 -99.79
CA LYS C 47 -43.11 16.46 -98.32
C LYS C 47 -43.95 15.32 -97.75
N LEU C 48 -45.01 14.94 -98.46
CA LEU C 48 -45.74 13.75 -98.03
C LEU C 48 -44.81 12.54 -98.11
N HIS C 49 -44.43 12.16 -99.32
CA HIS C 49 -43.45 11.11 -99.52
C HIS C 49 -42.39 11.13 -98.42
N PHE C 50 -41.74 12.26 -98.22
CA PHE C 50 -40.75 12.38 -97.15
C PHE C 50 -41.32 12.05 -95.77
N VAL C 51 -42.39 12.73 -95.38
CA VAL C 51 -43.04 12.42 -94.11
C VAL C 51 -43.29 10.93 -93.90
N LEU C 52 -43.73 10.23 -94.93
CA LEU C 52 -43.94 8.79 -94.80
C LEU C 52 -42.63 8.10 -94.45
N ASP C 53 -41.57 8.38 -95.21
CA ASP C 53 -40.31 7.74 -94.89
C ASP C 53 -40.03 7.85 -93.39
N CYS C 54 -40.11 9.07 -92.87
CA CYS C 54 -39.89 9.27 -91.45
C CYS C 54 -40.87 8.52 -90.57
N ILE C 55 -42.11 8.36 -91.00
CA ILE C 55 -43.07 7.65 -90.16
C ILE C 55 -42.65 6.21 -90.08
N GLN C 56 -42.17 5.66 -91.20
CA GLN C 56 -41.73 4.27 -91.25
C GLN C 56 -40.52 4.02 -90.36
N GLN C 57 -39.52 4.86 -90.51
CA GLN C 57 -38.33 4.76 -89.70
C GLN C 57 -38.59 4.92 -88.23
N GLN C 58 -39.57 5.73 -87.85
CA GLN C 58 -39.94 5.88 -86.45
C GLN C 58 -40.51 4.57 -85.96
N THR C 59 -41.39 3.99 -86.76
CA THR C 59 -42.02 2.74 -86.43
C THR C 59 -41.00 1.65 -86.24
N LYS C 60 -40.09 1.54 -87.19
CA LYS C 60 -39.03 0.57 -87.10
C LYS C 60 -38.23 0.76 -85.81
N PHE C 61 -37.74 1.97 -85.59
CA PHE C 61 -37.02 2.31 -84.37
C PHE C 61 -37.78 1.87 -83.13
N LEU C 62 -39.11 2.01 -83.14
CA LEU C 62 -39.90 1.60 -81.98
C LEU C 62 -39.94 0.08 -81.91
N SER C 63 -40.42 -0.56 -82.97
CA SER C 63 -40.38 -2.02 -83.10
C SER C 63 -39.04 -2.64 -82.78
N GLU C 64 -38.03 -2.30 -83.60
CA GLU C 64 -36.79 -3.06 -83.63
C GLU C 64 -35.66 -2.60 -82.73
N ILE C 65 -35.74 -1.37 -82.22
CA ILE C 65 -34.70 -0.80 -81.37
C ILE C 65 -35.16 -0.62 -79.92
N LEU C 66 -36.10 0.25 -79.68
CA LEU C 66 -36.64 0.39 -78.34
C LEU C 66 -37.15 -0.96 -77.81
N LEU C 67 -38.06 -1.59 -78.56
CA LEU C 67 -38.76 -2.74 -78.00
C LEU C 67 -37.96 -4.03 -78.14
N ARG C 68 -37.84 -4.52 -79.37
CA ARG C 68 -37.16 -5.78 -79.60
C ARG C 68 -35.79 -5.82 -78.96
N GLU C 69 -34.98 -4.79 -79.20
CA GLU C 69 -33.60 -4.77 -78.77
C GLU C 69 -33.51 -4.27 -77.34
N GLY C 70 -33.95 -3.03 -77.14
CA GLY C 70 -33.76 -2.29 -75.91
C GLY C 70 -34.46 -2.91 -74.73
N ILE C 71 -35.64 -3.44 -74.92
CA ILE C 71 -36.34 -4.13 -73.82
C ILE C 71 -36.20 -5.66 -73.92
N GLY C 72 -36.75 -6.23 -74.99
CA GLY C 72 -36.68 -7.67 -75.25
C GLY C 72 -35.35 -8.35 -74.98
N ARG C 73 -34.29 -7.98 -75.72
CA ARG C 73 -32.95 -8.56 -75.51
C ARG C 73 -32.30 -7.95 -74.28
N ASN C 74 -31.88 -6.69 -74.38
CA ASN C 74 -31.02 -6.14 -73.33
C ASN C 74 -31.57 -6.21 -71.92
N LEU C 75 -32.89 -6.13 -71.76
CA LEU C 75 -33.50 -6.09 -70.44
C LEU C 75 -34.21 -7.37 -70.04
N ILE C 76 -35.14 -7.83 -70.87
CA ILE C 76 -35.91 -9.03 -70.54
C ILE C 76 -35.04 -10.25 -70.48
N GLU C 77 -34.27 -10.49 -71.56
CA GLU C 77 -33.43 -11.68 -71.67
C GLU C 77 -32.18 -11.58 -70.84
N GLU C 78 -31.44 -10.48 -70.93
CA GLU C 78 -30.14 -10.35 -70.25
C GLU C 78 -30.21 -9.76 -68.84
N GLU C 79 -30.35 -8.45 -68.72
CA GLU C 79 -30.37 -7.79 -67.39
C GLU C 79 -31.31 -8.38 -66.37
N TRP C 80 -32.58 -8.54 -66.72
CA TRP C 80 -33.51 -9.07 -65.74
C TRP C 80 -33.48 -10.58 -65.67
N SER C 81 -33.89 -11.23 -66.73
CA SER C 81 -34.16 -12.64 -66.58
C SER C 81 -32.89 -13.42 -66.15
N GLN C 82 -31.73 -13.08 -66.70
CA GLN C 82 -30.50 -13.70 -66.27
C GLN C 82 -29.67 -12.96 -65.20
N THR C 83 -29.06 -11.81 -65.50
CA THR C 83 -28.21 -11.18 -64.47
C THR C 83 -28.88 -11.04 -63.11
N VAL C 84 -30.05 -10.41 -63.04
CA VAL C 84 -30.69 -10.10 -61.75
C VAL C 84 -31.43 -11.27 -61.10
N LEU C 85 -32.21 -12.01 -61.86
CA LEU C 85 -33.02 -13.09 -61.28
C LEU C 85 -32.28 -14.42 -61.15
N VAL C 86 -31.01 -14.41 -61.48
CA VAL C 86 -30.20 -15.59 -61.32
C VAL C 86 -28.86 -15.19 -60.73
N ARG C 87 -28.04 -14.48 -61.49
CA ARG C 87 -26.67 -14.24 -61.03
C ARG C 87 -26.70 -13.54 -59.67
N LEU C 88 -27.39 -12.40 -59.58
CA LEU C 88 -27.46 -11.62 -58.34
C LEU C 88 -28.16 -12.41 -57.25
N VAL C 89 -29.21 -13.12 -57.62
CA VAL C 89 -29.89 -13.97 -56.65
C VAL C 89 -28.97 -15.02 -56.07
N ASN C 90 -28.21 -15.72 -56.91
CA ASN C 90 -27.25 -16.71 -56.44
C ASN C 90 -26.09 -16.11 -55.61
N ASP C 91 -25.58 -14.96 -56.04
CA ASP C 91 -24.59 -14.26 -55.26
C ASP C 91 -25.16 -13.95 -53.90
N MET C 92 -26.32 -13.31 -53.86
CA MET C 92 -26.95 -13.02 -52.58
C MET C 92 -27.19 -14.29 -51.73
N LYS C 93 -27.81 -15.28 -52.34
CA LYS C 93 -28.11 -16.55 -51.66
C LYS C 93 -26.85 -17.12 -51.00
N PHE C 94 -25.75 -17.04 -51.73
CA PHE C 94 -24.48 -17.56 -51.27
C PHE C 94 -23.91 -16.83 -50.06
N TRP C 95 -23.76 -15.51 -50.16
CA TRP C 95 -23.18 -14.73 -49.06
C TRP C 95 -24.01 -14.70 -47.81
N GLN C 96 -25.32 -14.72 -47.95
CA GLN C 96 -26.16 -14.76 -46.77
C GLN C 96 -25.94 -16.05 -46.06
N ASN C 97 -25.59 -17.06 -46.82
CA ASN C 97 -25.30 -18.36 -46.27
C ASN C 97 -24.00 -18.42 -45.47
N GLU C 98 -22.94 -17.79 -45.95
CA GLU C 98 -21.68 -17.78 -45.22
C GLU C 98 -21.82 -17.06 -43.89
N ILE C 99 -22.33 -15.83 -43.94
CA ILE C 99 -22.62 -15.01 -42.75
C ILE C 99 -23.50 -15.79 -41.76
N THR C 100 -24.45 -16.59 -42.23
CA THR C 100 -25.21 -17.43 -41.31
C THR C 100 -24.31 -18.51 -40.68
N LYS C 101 -23.63 -19.30 -41.50
CA LYS C 101 -22.73 -20.34 -41.02
C LYS C 101 -21.74 -19.83 -39.98
N MET C 102 -21.15 -18.67 -40.23
CA MET C 102 -20.28 -18.01 -39.25
C MET C 102 -21.00 -17.69 -37.95
N MET C 103 -22.16 -17.04 -38.06
CA MET C 103 -22.96 -16.69 -36.87
C MET C 103 -23.36 -17.91 -36.03
N ASN C 104 -23.71 -19.01 -36.68
CA ASN C 104 -24.06 -20.24 -35.97
C ASN C 104 -22.85 -20.83 -35.30
N LYS C 105 -21.70 -20.77 -35.95
CA LYS C 105 -20.50 -21.32 -35.35
C LYS C 105 -20.27 -20.60 -34.02
N LEU C 106 -20.22 -19.28 -34.09
CA LEU C 106 -20.02 -18.45 -32.91
C LEU C 106 -21.06 -18.70 -31.83
N ASP C 107 -22.24 -19.16 -32.20
CA ASP C 107 -23.30 -19.39 -31.22
C ASP C 107 -23.18 -20.74 -30.57
N ASN C 108 -22.66 -21.70 -31.31
CA ASN C 108 -22.46 -22.98 -30.74
C ASN C 108 -20.98 -23.20 -30.68
N ILE C 109 -20.27 -22.18 -30.18
CA ILE C 109 -18.89 -22.32 -29.79
C ILE C 109 -18.89 -22.50 -28.28
N THR C 110 -17.74 -22.88 -27.74
CA THR C 110 -17.61 -23.22 -26.31
C THR C 110 -17.54 -22.00 -25.41
N ASN C 111 -18.37 -21.00 -25.66
CA ASN C 111 -18.62 -19.94 -24.70
C ASN C 111 -17.44 -19.02 -24.48
N GLU C 112 -17.73 -17.84 -23.91
CA GLU C 112 -16.74 -16.80 -23.66
C GLU C 112 -15.60 -17.36 -22.85
N ILE C 113 -15.75 -18.62 -22.42
CA ILE C 113 -14.80 -19.34 -21.55
C ILE C 113 -14.49 -18.46 -20.35
N ASP C 114 -15.49 -17.70 -19.91
CA ASP C 114 -15.39 -16.81 -18.75
C ASP C 114 -16.61 -17.12 -17.84
N GLN C 115 -16.24 -17.83 -16.76
CA GLN C 115 -17.01 -18.41 -15.61
C GLN C 115 -18.54 -18.26 -15.40
N GLN C 116 -19.35 -18.17 -16.44
CA GLN C 116 -20.80 -18.08 -16.23
C GLN C 116 -21.64 -18.85 -17.27
N HIS C 117 -21.06 -19.90 -17.86
CA HIS C 117 -21.71 -20.65 -18.96
C HIS C 117 -22.50 -19.69 -19.85
N ASN C 118 -21.80 -18.68 -20.35
CA ASN C 118 -22.42 -17.57 -21.06
C ASN C 118 -22.64 -17.96 -22.50
N SER C 119 -23.79 -17.55 -23.07
CA SER C 119 -24.24 -17.97 -24.42
C SER C 119 -23.23 -17.68 -25.52
N LYS C 120 -22.08 -18.35 -25.40
CA LYS C 120 -20.99 -18.43 -26.38
C LYS C 120 -20.60 -17.12 -27.06
N LEU C 121 -19.58 -17.18 -27.90
CA LEU C 121 -19.09 -15.97 -28.57
C LEU C 121 -20.22 -15.16 -29.22
N GLY C 122 -21.20 -15.85 -29.81
CA GLY C 122 -22.36 -15.20 -30.42
C GLY C 122 -23.10 -14.14 -29.61
N ASP C 123 -23.08 -14.26 -28.28
CA ASP C 123 -23.71 -13.24 -27.44
C ASP C 123 -22.99 -11.89 -27.53
N PHE C 124 -21.79 -11.86 -28.11
CA PHE C 124 -21.01 -10.63 -28.28
C PHE C 124 -20.79 -10.32 -29.74
N ILE C 125 -21.89 -10.30 -30.49
CA ILE C 125 -21.84 -10.10 -31.94
C ILE C 125 -22.94 -9.10 -32.34
N SER C 126 -22.81 -8.42 -33.48
CA SER C 126 -23.85 -7.47 -33.95
C SER C 126 -24.76 -8.08 -35.04
N ARG C 127 -25.76 -8.86 -34.61
CA ARG C 127 -26.58 -9.63 -35.57
C ARG C 127 -27.59 -8.80 -36.33
N ASP C 128 -27.90 -7.60 -35.85
CA ASP C 128 -28.77 -6.73 -36.64
C ASP C 128 -28.03 -6.40 -37.92
N SER C 129 -28.78 -6.34 -39.02
CA SER C 129 -28.22 -6.17 -40.37
C SER C 129 -27.43 -7.36 -40.95
N SER C 130 -27.24 -8.43 -40.19
CA SER C 130 -26.58 -9.63 -40.72
C SER C 130 -27.49 -10.43 -41.64
N HIS C 131 -28.77 -10.10 -41.64
CA HIS C 131 -29.77 -10.76 -42.46
C HIS C 131 -30.34 -9.82 -43.49
N ILE C 132 -29.52 -8.88 -43.94
CA ILE C 132 -29.98 -7.92 -44.91
C ILE C 132 -30.22 -8.62 -46.26
N LEU C 133 -29.40 -9.62 -46.59
CA LEU C 133 -29.54 -10.29 -47.87
C LEU C 133 -30.82 -11.10 -47.97
N ASP C 134 -31.20 -11.81 -46.91
CA ASP C 134 -32.47 -12.56 -46.93
C ASP C 134 -33.57 -11.61 -47.34
N SER C 135 -33.56 -10.41 -46.79
CA SER C 135 -34.61 -9.45 -47.04
C SER C 135 -34.67 -8.96 -48.49
N LYS C 136 -33.51 -8.87 -49.16
CA LYS C 136 -33.49 -8.58 -50.62
C LYS C 136 -33.83 -9.83 -51.42
N LEU C 137 -33.76 -10.99 -50.80
CA LEU C 137 -34.17 -12.19 -51.46
C LEU C 137 -35.67 -12.31 -51.43
N ASN C 138 -36.29 -11.95 -50.31
CA ASN C 138 -37.76 -12.00 -50.16
C ASN C 138 -38.44 -10.99 -51.04
N GLU C 139 -37.71 -9.97 -51.42
CA GLU C 139 -38.19 -8.98 -52.38
C GLU C 139 -38.24 -9.55 -53.81
N ILE C 140 -37.25 -10.37 -54.18
CA ILE C 140 -37.12 -10.90 -55.54
C ILE C 140 -38.43 -11.27 -56.24
N PRO C 141 -39.26 -12.12 -55.61
CA PRO C 141 -40.43 -12.57 -56.35
C PRO C 141 -41.30 -11.42 -56.86
N THR C 142 -41.32 -10.31 -56.14
CA THR C 142 -42.07 -9.18 -56.67
C THR C 142 -41.29 -8.59 -57.84
N ILE C 143 -39.97 -8.46 -57.75
CA ILE C 143 -39.16 -8.02 -58.93
C ILE C 143 -39.34 -8.98 -60.14
N ARG C 144 -39.36 -10.27 -59.91
CA ARG C 144 -39.71 -11.19 -60.99
C ARG C 144 -41.08 -10.86 -61.61
N LYS C 145 -42.12 -10.85 -60.78
CA LYS C 145 -43.50 -10.51 -61.20
C LYS C 145 -43.59 -9.22 -62.01
N GLN C 146 -42.92 -8.19 -61.53
CA GLN C 146 -42.75 -6.98 -62.31
C GLN C 146 -42.25 -7.37 -63.67
N VAL C 147 -41.14 -8.13 -63.73
CA VAL C 147 -40.49 -8.47 -64.99
C VAL C 147 -41.41 -9.29 -65.87
N GLU C 148 -42.28 -10.07 -65.26
CA GLU C 148 -43.28 -10.80 -66.03
C GLU C 148 -44.33 -9.82 -66.62
N ASN C 149 -44.91 -8.98 -65.78
CA ASN C 149 -45.82 -7.95 -66.26
C ASN C 149 -45.22 -7.13 -67.41
N ILE C 150 -44.06 -6.55 -67.17
CA ILE C 150 -43.38 -5.77 -68.19
C ILE C 150 -43.01 -6.73 -69.36
N THR C 151 -42.79 -8.01 -69.14
CA THR C 151 -42.42 -8.88 -70.28
C THR C 151 -43.61 -9.14 -71.20
N ARG C 152 -44.78 -9.30 -70.63
CA ARG C 152 -45.96 -9.56 -71.47
C ARG C 152 -46.58 -8.29 -72.05
N GLN C 153 -46.35 -7.14 -71.42
CA GLN C 153 -46.87 -5.90 -71.99
C GLN C 153 -46.11 -5.62 -73.25
N TYR C 154 -44.86 -6.06 -73.26
CA TYR C 154 -43.96 -5.85 -74.39
C TYR C 154 -44.31 -6.66 -75.60
N GLN C 155 -44.89 -7.84 -75.40
CA GLN C 155 -45.45 -8.62 -76.53
C GLN C 155 -46.71 -7.97 -77.08
N THR C 156 -47.63 -7.63 -76.19
CA THR C 156 -48.84 -6.92 -76.55
C THR C 156 -48.47 -5.73 -77.44
N MET C 157 -47.61 -4.87 -76.92
CA MET C 157 -47.30 -3.65 -77.63
C MET C 157 -46.58 -3.97 -78.93
N LEU C 158 -45.62 -4.90 -78.92
CA LEU C 158 -44.87 -5.16 -80.13
C LEU C 158 -45.83 -5.63 -81.24
N ALA C 159 -46.88 -6.35 -80.83
CA ALA C 159 -47.93 -6.77 -81.77
C ALA C 159 -48.59 -5.57 -82.38
N LYS C 160 -49.30 -4.78 -81.57
CA LYS C 160 -49.91 -3.55 -82.06
C LYS C 160 -49.04 -2.77 -83.04
N VAL C 161 -47.74 -2.71 -82.79
CA VAL C 161 -46.83 -1.99 -83.67
C VAL C 161 -46.62 -2.64 -85.04
N GLN C 162 -46.74 -3.96 -85.14
CA GLN C 162 -46.72 -4.60 -86.46
C GLN C 162 -48.14 -4.90 -86.99
N SER C 163 -49.15 -4.41 -86.27
CA SER C 163 -50.54 -4.32 -86.75
C SER C 163 -51.01 -2.87 -86.82
N GLN C 164 -50.05 -1.94 -86.86
CA GLN C 164 -50.26 -0.52 -87.26
C GLN C 164 -49.47 -0.32 -88.54
N LEU C 165 -48.22 -0.82 -88.52
CA LEU C 165 -47.36 -1.04 -89.69
C LEU C 165 -48.01 -1.90 -90.81
N VAL C 166 -48.89 -2.85 -90.44
CA VAL C 166 -49.61 -3.65 -91.44
C VAL C 166 -50.66 -2.82 -92.19
N GLU C 167 -51.48 -2.10 -91.44
CA GLU C 167 -52.51 -1.22 -92.02
C GLU C 167 -51.95 0.00 -92.77
N SER C 168 -50.99 0.69 -92.14
CA SER C 168 -50.35 1.86 -92.75
C SER C 168 -49.52 1.53 -93.99
N ARG C 169 -49.09 0.27 -94.13
CA ARG C 169 -48.36 -0.19 -95.31
C ARG C 169 -49.23 -0.20 -96.56
N MET C 170 -50.36 -0.92 -96.51
CA MET C 170 -51.32 -0.96 -97.63
C MET C 170 -52.00 0.40 -97.90
N LYS C 171 -51.85 1.34 -96.95
CA LYS C 171 -52.35 2.72 -97.08
C LYS C 171 -51.36 3.64 -97.79
N GLY C 172 -50.08 3.52 -97.43
CA GLY C 172 -49.00 4.26 -98.11
C GLY C 172 -48.68 3.74 -99.51
N LEU C 173 -48.99 2.45 -99.75
CA LEU C 173 -48.82 1.80 -101.07
C LEU C 173 -49.92 2.17 -102.06
N ARG C 174 -51.15 2.32 -101.54
CA ARG C 174 -52.23 2.98 -102.27
C ARG C 174 -51.78 4.39 -102.66
N ASP C 175 -51.29 5.13 -101.66
CA ASP C 175 -50.60 6.40 -101.90
C ASP C 175 -49.29 6.17 -102.64
N LEU C 189 -49.84 7.83 -113.58
CA LEU C 189 -50.47 8.57 -114.69
C LEU C 189 -50.62 10.08 -114.38
N LYS C 190 -49.54 10.67 -113.87
CA LYS C 190 -49.46 12.10 -113.57
C LYS C 190 -48.49 12.77 -114.54
N LEU C 191 -49.03 13.53 -115.48
CA LEU C 191 -48.22 14.35 -116.40
C LEU C 191 -48.06 15.76 -115.85
N ASN C 192 -47.43 15.88 -114.67
CA ASN C 192 -47.25 17.18 -114.01
C ASN C 192 -46.10 18.03 -114.62
N GLU C 193 -45.03 17.39 -115.10
CA GLU C 193 -43.90 18.11 -115.77
C GLU C 193 -44.27 18.57 -117.19
N GLU C 194 -45.08 17.79 -117.88
CA GLU C 194 -45.59 18.13 -119.21
C GLU C 194 -46.55 19.33 -119.19
N PHE C 195 -47.30 19.50 -118.10
CA PHE C 195 -48.31 20.56 -117.96
C PHE C 195 -47.68 21.92 -117.82
N THR C 196 -46.70 22.03 -116.93
CA THR C 196 -45.98 23.28 -116.75
C THR C 196 -45.30 23.73 -118.04
N ASN C 197 -44.99 22.79 -118.93
CA ASN C 197 -44.51 23.15 -120.26
C ASN C 197 -45.57 23.94 -121.03
N GLU C 198 -46.75 23.34 -121.21
CA GLU C 198 -47.88 24.01 -121.87
C GLU C 198 -48.04 25.40 -121.30
N ALA C 199 -48.27 25.44 -120.00
CA ALA C 199 -48.41 26.70 -119.28
C ALA C 199 -47.43 27.76 -119.79
N ASP C 200 -46.18 27.38 -120.01
CA ASP C 200 -45.15 28.33 -120.46
C ASP C 200 -45.19 28.57 -121.96
N GLN C 201 -45.51 27.54 -122.73
CA GLN C 201 -45.66 27.69 -124.17
C GLN C 201 -46.86 28.63 -124.47
N LEU C 202 -47.85 28.67 -123.57
CA LEU C 202 -48.95 29.63 -123.68
C LEU C 202 -48.55 30.97 -123.11
N GLU C 203 -47.85 30.96 -121.98
CA GLU C 203 -47.45 32.21 -121.34
C GLU C 203 -46.68 33.07 -122.32
N GLN C 204 -45.91 32.39 -123.19
CA GLN C 204 -45.11 33.04 -124.21
C GLN C 204 -45.97 33.64 -125.31
N GLU C 205 -46.90 32.85 -125.83
CA GLU C 205 -47.86 33.36 -126.84
C GLU C 205 -48.47 34.67 -126.43
N LEU C 206 -49.14 34.69 -125.28
CA LEU C 206 -49.70 35.93 -124.77
C LEU C 206 -48.69 37.08 -124.80
N ALA C 207 -47.49 36.85 -124.30
CA ALA C 207 -46.43 37.87 -124.29
C ALA C 207 -45.98 38.31 -125.69
N ASP C 208 -45.99 37.38 -126.63
CA ASP C 208 -45.78 37.69 -128.05
C ASP C 208 -46.81 38.70 -128.53
N PHE C 209 -48.08 38.32 -128.40
CA PHE C 209 -49.21 39.16 -128.82
C PHE C 209 -49.12 40.56 -128.23
N LEU C 210 -48.84 40.67 -126.94
CA LEU C 210 -48.82 41.99 -126.33
C LEU C 210 -47.65 42.82 -126.83
N LYS C 211 -46.43 42.26 -126.73
CA LYS C 211 -45.25 42.90 -127.33
C LYS C 211 -45.49 43.33 -128.77
N SER C 212 -46.42 42.68 -129.48
CA SER C 212 -46.76 43.08 -130.85
C SER C 212 -47.65 44.32 -130.92
N PHE C 213 -48.83 44.29 -130.30
CA PHE C 213 -49.70 45.49 -130.25
C PHE C 213 -48.95 46.66 -129.64
N THR C 214 -48.03 46.36 -128.73
CA THR C 214 -47.21 47.37 -128.08
C THR C 214 -46.23 48.03 -129.05
N ASP C 215 -45.54 47.24 -129.87
CA ASP C 215 -44.67 47.79 -130.90
C ASP C 215 -45.50 48.69 -131.78
N HIS C 216 -46.52 48.10 -132.42
CA HIS C 216 -47.38 48.87 -133.32
C HIS C 216 -47.72 50.23 -132.75
N PHE C 217 -48.18 50.26 -131.51
CA PHE C 217 -48.50 51.54 -130.86
C PHE C 217 -47.28 52.45 -130.82
N ASP C 218 -46.15 51.93 -130.37
CA ASP C 218 -44.89 52.70 -130.35
C ASP C 218 -44.56 53.28 -131.73
N LYS C 219 -44.81 52.51 -132.79
CA LYS C 219 -44.59 52.96 -134.16
C LYS C 219 -45.50 54.17 -134.50
N CYS C 220 -46.81 54.05 -134.25
CA CYS C 220 -47.73 55.15 -134.49
C CYS C 220 -47.50 56.35 -133.57
N SER C 221 -47.03 56.10 -132.35
CA SER C 221 -46.75 57.20 -131.42
C SER C 221 -45.37 57.81 -131.71
N ALA C 222 -44.61 57.16 -132.60
CA ALA C 222 -43.39 57.76 -133.13
C ALA C 222 -43.72 58.76 -134.24
N LEU C 223 -44.63 58.39 -135.13
CA LEU C 223 -45.11 59.28 -136.20
C LEU C 223 -45.59 60.65 -135.67
N SER C 224 -46.43 60.62 -134.64
CA SER C 224 -46.91 61.84 -134.01
C SER C 224 -45.82 62.55 -133.22
N SER C 225 -45.09 61.80 -132.40
CA SER C 225 -43.99 62.38 -131.60
C SER C 225 -42.82 62.88 -132.44
N ARG C 226 -42.80 62.49 -133.73
CA ARG C 226 -41.68 62.73 -134.61
C ARG C 226 -40.41 62.01 -134.10
N SER C 227 -40.06 60.90 -134.76
CA SER C 227 -38.79 60.21 -134.54
C SER C 227 -37.77 60.79 -135.51
N VAL C 228 -36.47 60.57 -135.24
CA VAL C 228 -35.39 61.14 -136.05
C VAL C 228 -35.40 60.63 -137.50
N SER C 229 -35.66 61.55 -138.44
CA SER C 229 -35.56 61.34 -139.90
C SER C 229 -36.91 61.44 -140.62
N PRO C 230 -36.98 62.25 -141.68
CA PRO C 230 -38.12 62.26 -142.60
C PRO C 230 -38.01 61.23 -143.76
N GLU C 231 -36.87 60.55 -143.89
CA GLU C 231 -36.74 59.45 -144.86
C GLU C 231 -37.26 58.15 -144.25
N ASP C 232 -37.06 57.99 -142.94
CA ASP C 232 -37.64 56.87 -142.18
C ASP C 232 -39.17 56.93 -142.19
N ALA C 233 -39.71 58.12 -141.91
CA ALA C 233 -41.15 58.34 -141.80
C ALA C 233 -41.97 57.71 -142.93
N GLN C 234 -41.56 57.94 -144.18
CA GLN C 234 -42.32 57.47 -145.35
C GLN C 234 -42.43 55.93 -145.43
N ASN C 235 -41.36 55.23 -145.04
CA ASN C 235 -41.45 53.78 -144.86
C ASN C 235 -42.36 53.46 -143.69
N LEU C 236 -42.07 54.06 -142.54
CA LEU C 236 -42.82 53.80 -141.31
C LEU C 236 -44.33 53.86 -141.47
N PHE C 237 -44.85 54.80 -142.27
CA PHE C 237 -46.28 54.80 -142.57
C PHE C 237 -46.65 53.50 -143.29
N GLU C 238 -45.90 53.13 -144.31
CA GLU C 238 -46.23 51.93 -145.07
C GLU C 238 -46.29 50.67 -144.19
N ILE C 239 -45.37 50.57 -143.23
CA ILE C 239 -45.34 49.44 -142.30
C ILE C 239 -46.61 49.42 -141.46
N VAL C 240 -46.92 50.56 -140.84
CA VAL C 240 -48.11 50.71 -140.00
C VAL C 240 -49.40 50.46 -140.78
N GLU C 241 -49.65 51.27 -141.80
CA GLU C 241 -50.90 51.15 -142.56
C GLU C 241 -51.22 49.70 -142.86
N ARG C 242 -50.18 48.94 -143.19
CA ARG C 242 -50.31 47.52 -143.52
C ARG C 242 -50.91 46.75 -142.36
N ASP C 243 -50.33 46.93 -141.18
CA ASP C 243 -50.75 46.21 -139.96
C ASP C 243 -52.13 46.64 -139.47
N ASP C 244 -52.42 47.93 -139.56
CA ASP C 244 -53.71 48.47 -139.17
C ASP C 244 -54.89 47.67 -139.75
N LYS C 245 -54.78 47.29 -141.01
CA LYS C 245 -55.82 46.47 -141.63
C LYS C 245 -55.85 45.06 -141.05
N ASP C 246 -54.68 44.55 -140.66
CA ASP C 246 -54.53 43.21 -140.08
C ASP C 246 -54.91 43.12 -138.59
N LEU C 247 -54.79 44.25 -137.90
CA LEU C 247 -55.12 44.39 -136.47
C LEU C 247 -56.32 43.56 -135.99
N ALA C 248 -57.46 43.72 -136.65
CA ALA C 248 -58.68 43.00 -136.28
C ALA C 248 -58.44 41.51 -136.19
N ALA C 249 -57.84 40.96 -137.24
CA ALA C 249 -57.59 39.53 -137.30
C ALA C 249 -56.56 39.06 -136.26
N ILE C 250 -55.52 39.88 -136.04
CA ILE C 250 -54.47 39.53 -135.09
C ILE C 250 -55.09 39.35 -133.70
N ASN C 251 -55.85 40.35 -133.25
CA ASN C 251 -56.63 40.30 -132.01
C ASN C 251 -57.53 39.08 -132.00
N SER C 252 -58.19 38.76 -133.11
CA SER C 252 -59.08 37.61 -133.16
C SER C 252 -58.35 36.31 -132.88
N LEU C 253 -57.05 36.29 -133.13
CA LEU C 253 -56.22 35.13 -132.77
C LEU C 253 -55.75 35.16 -131.32
N LEU C 254 -55.71 36.35 -130.74
CA LEU C 254 -55.47 36.50 -129.30
C LEU C 254 -56.66 35.92 -128.54
N GLN C 255 -57.86 36.24 -129.00
CA GLN C 255 -59.05 35.73 -128.37
C GLN C 255 -59.08 34.22 -128.42
N ASP C 256 -58.57 33.64 -129.52
CA ASP C 256 -58.41 32.17 -129.64
C ASP C 256 -57.42 31.63 -128.63
N ALA C 257 -56.25 32.23 -128.58
CA ALA C 257 -55.23 31.86 -127.60
C ALA C 257 -55.76 32.02 -126.18
N ALA C 258 -56.66 32.96 -125.99
CA ALA C 258 -57.33 33.11 -124.72
C ALA C 258 -58.30 31.97 -124.43
N ILE C 259 -58.93 31.41 -125.45
CA ILE C 259 -59.82 30.25 -125.23
C ILE C 259 -58.97 29.03 -124.91
N ASP C 260 -57.81 28.93 -125.55
CA ASP C 260 -56.90 27.79 -125.35
C ASP C 260 -56.41 27.76 -123.92
N VAL C 261 -55.80 28.86 -123.49
CA VAL C 261 -55.41 29.03 -122.09
C VAL C 261 -56.58 28.77 -121.13
N ALA C 262 -57.78 29.22 -121.48
CA ALA C 262 -58.93 29.06 -120.58
C ALA C 262 -59.30 27.59 -120.42
N SER C 263 -59.11 26.81 -121.50
CA SER C 263 -59.45 25.39 -121.50
C SER C 263 -58.30 24.55 -120.98
N PHE C 264 -57.09 25.10 -120.99
CA PHE C 264 -55.96 24.47 -120.30
C PHE C 264 -56.18 24.53 -118.82
N VAL C 265 -56.44 25.72 -118.32
CA VAL C 265 -56.76 25.90 -116.92
C VAL C 265 -58.00 25.13 -116.43
N ARG C 266 -59.02 25.02 -117.28
CA ARG C 266 -60.20 24.22 -116.92
C ARG C 266 -59.75 22.85 -116.45
N LYS C 267 -59.03 22.11 -117.30
CA LYS C 267 -58.70 20.71 -117.03
C LYS C 267 -57.74 20.51 -115.88
N VAL C 268 -56.70 21.33 -115.82
CA VAL C 268 -55.68 21.18 -114.80
C VAL C 268 -56.31 21.45 -113.45
N ASN C 269 -57.06 22.53 -113.33
CA ASN C 269 -57.71 22.79 -112.07
C ASN C 269 -58.66 21.67 -111.69
N MET C 270 -59.20 20.93 -112.65
CA MET C 270 -60.07 19.81 -112.32
C MET C 270 -59.33 18.64 -111.69
N LEU C 271 -58.16 18.29 -112.22
CA LEU C 271 -57.36 17.23 -111.58
C LEU C 271 -57.01 17.66 -110.17
N LEU C 272 -56.40 18.83 -110.08
CA LEU C 272 -56.02 19.40 -108.80
C LEU C 272 -57.20 19.61 -107.85
N ASP C 273 -58.36 19.95 -108.38
CA ASP C 273 -59.57 20.02 -107.54
C ASP C 273 -59.82 18.66 -106.87
N GLU C 274 -59.63 17.60 -107.66
CA GLU C 274 -59.87 16.22 -107.24
C GLU C 274 -58.76 15.67 -106.33
N ARG C 275 -57.50 16.04 -106.57
CA ARG C 275 -56.41 15.71 -105.65
C ARG C 275 -56.70 16.19 -104.25
N ASP C 276 -57.28 17.38 -104.11
CA ASP C 276 -57.54 17.95 -102.80
C ASP C 276 -58.48 17.09 -101.93
N ALA C 277 -59.38 16.35 -102.57
CA ALA C 277 -60.18 15.37 -101.82
C ALA C 277 -59.26 14.37 -101.11
N ASP C 278 -58.19 13.96 -101.80
CA ASP C 278 -57.22 12.99 -101.26
C ASP C 278 -56.35 13.59 -100.20
N LYS C 279 -55.59 14.63 -100.54
CA LYS C 279 -54.82 15.33 -99.53
C LYS C 279 -55.63 15.31 -98.22
N ALA C 280 -56.93 15.62 -98.30
CA ALA C 280 -57.76 15.81 -97.08
C ALA C 280 -58.07 14.54 -96.29
N LYS C 281 -58.23 13.42 -96.99
CA LYS C 281 -58.46 12.14 -96.35
C LYS C 281 -57.12 11.52 -95.96
N MET C 282 -56.12 11.72 -96.82
CA MET C 282 -54.76 11.29 -96.54
C MET C 282 -54.30 11.91 -95.22
N GLN C 283 -54.33 13.22 -95.14
CA GLN C 283 -53.84 13.89 -93.95
C GLN C 283 -54.54 13.39 -92.70
N ALA C 284 -55.85 13.18 -92.82
CA ALA C 284 -56.63 12.70 -91.69
C ALA C 284 -56.08 11.40 -91.17
N THR C 285 -55.56 10.57 -92.07
CA THR C 285 -55.08 9.25 -91.72
C THR C 285 -53.74 9.36 -91.05
N LEU C 286 -52.88 10.22 -91.57
CA LEU C 286 -51.64 10.52 -90.87
C LEU C 286 -51.95 11.01 -89.44
N SER C 287 -52.81 12.01 -89.31
CA SER C 287 -53.12 12.53 -87.98
C SER C 287 -53.50 11.44 -87.01
N LYS C 288 -54.26 10.47 -87.46
CA LYS C 288 -54.62 9.37 -86.58
C LYS C 288 -53.36 8.58 -86.32
N LEU C 289 -52.66 8.24 -87.40
CA LEU C 289 -51.44 7.45 -87.32
C LEU C 289 -50.42 8.04 -86.36
N LEU C 290 -50.15 9.33 -86.52
CA LEU C 290 -49.17 10.01 -85.68
C LEU C 290 -49.58 9.92 -84.22
N THR C 291 -50.87 10.02 -83.98
CA THR C 291 -51.37 9.99 -82.62
C THR C 291 -51.17 8.64 -81.98
N GLU C 292 -51.28 7.58 -82.77
CA GLU C 292 -51.02 6.23 -82.27
C GLU C 292 -49.57 6.09 -81.83
N LEU C 293 -48.64 6.64 -82.61
CA LEU C 293 -47.23 6.58 -82.26
C LEU C 293 -46.96 7.29 -80.95
N ARG C 294 -47.57 8.45 -80.72
CA ARG C 294 -47.41 9.15 -79.43
C ARG C 294 -47.95 8.34 -78.27
N LYS C 295 -49.14 7.80 -78.44
CA LYS C 295 -49.79 7.09 -77.35
C LYS C 295 -48.78 6.14 -76.66
N HIS C 296 -47.92 5.51 -77.46
CA HIS C 296 -46.86 4.63 -76.97
C HIS C 296 -45.92 5.27 -75.99
N GLU C 297 -45.47 6.49 -76.27
CA GLU C 297 -44.44 7.00 -75.41
C GLU C 297 -44.83 6.89 -73.92
N GLU C 298 -46.09 7.13 -73.54
CA GLU C 298 -46.40 6.98 -72.11
C GLU C 298 -46.11 5.55 -71.65
N TYR C 299 -46.67 4.58 -72.36
CA TYR C 299 -46.53 3.14 -72.06
C TYR C 299 -45.09 2.68 -71.83
N ILE C 300 -44.21 3.16 -72.70
CA ILE C 300 -42.78 2.88 -72.67
C ILE C 300 -42.08 3.49 -71.48
N SER C 301 -42.48 4.71 -71.16
CA SER C 301 -41.91 5.39 -70.01
C SER C 301 -42.21 4.64 -68.70
N VAL C 302 -43.38 4.03 -68.55
CA VAL C 302 -43.62 3.12 -67.41
C VAL C 302 -42.67 1.93 -67.40
N PHE C 303 -42.39 1.33 -68.56
CA PHE C 303 -41.40 0.23 -68.62
C PHE C 303 -40.06 0.74 -68.17
N GLU C 304 -39.58 1.81 -68.80
CA GLU C 304 -38.29 2.34 -68.41
C GLU C 304 -38.33 2.75 -66.94
N GLY C 305 -39.46 3.28 -66.52
CA GLY C 305 -39.73 3.54 -65.11
C GLY C 305 -39.42 2.35 -64.23
N ILE C 306 -40.11 1.22 -64.42
CA ILE C 306 -39.80 0.05 -63.59
C ILE C 306 -38.46 -0.56 -63.97
N SER C 307 -37.88 -0.18 -65.10
CA SER C 307 -36.51 -0.62 -65.37
C SER C 307 -35.52 -0.01 -64.40
N ALA C 308 -35.66 1.28 -64.15
CA ALA C 308 -34.70 1.96 -63.29
C ALA C 308 -34.92 1.53 -61.87
N LEU C 309 -36.17 1.25 -61.56
CA LEU C 309 -36.54 0.84 -60.22
C LEU C 309 -35.83 -0.46 -59.88
N ILE C 310 -35.67 -1.32 -60.88
CA ILE C 310 -34.91 -2.54 -60.71
C ILE C 310 -33.43 -2.19 -60.57
N GLN C 311 -32.87 -1.46 -61.53
CA GLN C 311 -31.45 -1.16 -61.45
C GLN C 311 -31.01 -0.61 -60.11
N LYS C 312 -31.93 0.04 -59.39
CA LYS C 312 -31.66 0.53 -58.02
C LYS C 312 -31.60 -0.66 -57.05
N PHE C 313 -32.64 -1.48 -57.09
CA PHE C 313 -32.68 -2.68 -56.29
C PHE C 313 -31.39 -3.47 -56.55
N LYS C 314 -30.90 -3.46 -57.79
CA LYS C 314 -29.67 -4.18 -58.08
C LYS C 314 -28.47 -3.57 -57.37
N ALA C 315 -28.17 -2.32 -57.67
CA ALA C 315 -27.03 -1.69 -57.00
C ALA C 315 -27.15 -1.72 -55.49
N SER C 316 -28.36 -1.56 -54.98
CA SER C 316 -28.58 -1.75 -53.55
C SER C 316 -28.20 -3.16 -53.11
N CYS C 317 -28.57 -4.17 -53.88
CA CYS C 317 -28.22 -5.53 -53.51
C CYS C 317 -26.73 -5.69 -53.42
N LEU C 318 -26.01 -5.13 -54.38
CA LEU C 318 -24.55 -5.30 -54.45
C LEU C 318 -23.89 -4.63 -53.28
N GLU C 319 -24.50 -3.53 -52.84
CA GLU C 319 -24.01 -2.79 -51.70
C GLU C 319 -24.36 -3.55 -50.45
N ASP C 320 -25.51 -4.22 -50.42
CA ASP C 320 -25.86 -5.06 -49.27
C ASP C 320 -24.99 -6.29 -49.21
N ILE C 321 -24.43 -6.69 -50.36
CA ILE C 321 -23.49 -7.81 -50.40
C ILE C 321 -22.16 -7.35 -49.89
N ARG C 322 -21.64 -6.25 -50.44
CA ARG C 322 -20.37 -5.68 -49.98
C ARG C 322 -20.36 -5.62 -48.46
N GLN C 323 -21.27 -4.84 -47.88
CA GLN C 323 -21.41 -4.73 -46.42
C GLN C 323 -21.44 -6.09 -45.75
N THR C 324 -22.23 -7.01 -46.26
CA THR C 324 -22.30 -8.31 -45.62
C THR C 324 -20.95 -9.05 -45.66
N ARG C 325 -20.13 -8.81 -46.68
CA ARG C 325 -18.80 -9.40 -46.66
C ARG C 325 -17.89 -8.77 -45.59
N ASN C 326 -17.99 -7.46 -45.40
CA ASN C 326 -17.25 -6.82 -44.31
C ASN C 326 -17.65 -7.45 -43.00
N LEU C 327 -18.95 -7.46 -42.75
CA LEU C 327 -19.48 -8.05 -41.56
C LEU C 327 -18.90 -9.44 -41.35
N LEU C 328 -18.78 -10.20 -42.44
CA LEU C 328 -18.12 -11.50 -42.35
C LEU C 328 -16.70 -11.37 -41.87
N ASP C 329 -15.96 -10.41 -42.38
CA ASP C 329 -14.56 -10.24 -41.98
C ASP C 329 -14.48 -9.84 -40.52
N PHE C 330 -15.25 -8.84 -40.14
CA PHE C 330 -15.23 -8.37 -38.78
C PHE C 330 -15.53 -9.50 -37.82
N TYR C 331 -16.52 -10.34 -38.12
CA TYR C 331 -16.77 -11.53 -37.29
C TYR C 331 -15.52 -12.38 -37.14
N ALA C 332 -14.75 -12.50 -38.22
CA ALA C 332 -13.58 -13.34 -38.20
C ALA C 332 -12.53 -12.72 -37.32
N ASN C 333 -12.20 -11.47 -37.57
CA ASN C 333 -11.32 -10.76 -36.64
C ASN C 333 -11.73 -10.88 -35.17
N PHE C 334 -13.01 -10.68 -34.90
CA PHE C 334 -13.52 -10.80 -33.55
C PHE C 334 -13.17 -12.14 -32.95
N GLU C 335 -13.26 -13.20 -33.75
CA GLU C 335 -12.91 -14.53 -33.25
C GLU C 335 -11.38 -14.68 -33.05
N ARG C 336 -10.59 -14.26 -34.02
CA ARG C 336 -9.14 -14.23 -33.85
C ARG C 336 -8.84 -13.42 -32.61
N SER C 337 -9.32 -12.18 -32.61
CA SER C 337 -9.08 -11.23 -31.53
C SER C 337 -9.55 -11.76 -30.17
N TYR C 338 -10.51 -12.67 -30.15
CA TYR C 338 -10.96 -13.32 -28.90
C TYR C 338 -9.93 -14.28 -28.38
N HIS C 339 -9.28 -15.01 -29.27
CA HIS C 339 -8.22 -15.92 -28.86
C HIS C 339 -7.05 -15.14 -28.29
N ASN C 340 -6.84 -13.95 -28.83
CA ASN C 340 -5.85 -13.04 -28.29
C ASN C 340 -6.23 -12.50 -26.91
N LEU C 341 -7.53 -12.42 -26.65
CA LEU C 341 -8.05 -12.06 -25.33
C LEU C 341 -7.76 -13.17 -24.34
N LEU C 342 -7.91 -14.41 -24.77
CA LEU C 342 -7.63 -15.52 -23.88
C LEU C 342 -6.19 -15.49 -23.49
N LYS C 343 -5.30 -15.32 -24.47
CA LYS C 343 -3.87 -15.29 -24.21
C LYS C 343 -3.57 -14.17 -23.25
N GLU C 344 -4.24 -13.04 -23.42
CA GLU C 344 -3.95 -11.85 -22.60
C GLU C 344 -4.50 -12.02 -21.21
N VAL C 345 -5.68 -12.60 -21.07
CA VAL C 345 -6.19 -12.88 -19.74
C VAL C 345 -5.12 -13.68 -18.97
N LYS C 346 -4.69 -14.82 -19.53
CA LYS C 346 -3.70 -15.69 -18.88
C LYS C 346 -2.42 -14.90 -18.62
N ARG C 347 -2.01 -14.08 -19.56
CA ARG C 347 -0.83 -13.24 -19.35
C ARG C 347 -0.99 -12.28 -18.15
N ARG C 348 -2.18 -11.67 -18.03
CA ARG C 348 -2.50 -10.77 -16.90
C ARG C 348 -2.47 -11.55 -15.61
N LYS C 349 -2.95 -12.79 -15.65
CA LYS C 349 -2.97 -13.66 -14.49
C LYS C 349 -1.55 -14.02 -14.05
N GLU C 350 -0.73 -14.48 -15.00
CA GLU C 350 0.70 -14.76 -14.78
C GLU C 350 1.46 -13.56 -14.21
N THR C 351 1.15 -12.36 -14.71
CA THR C 351 1.72 -11.14 -14.18
C THR C 351 1.36 -10.95 -12.69
N ALA C 352 0.14 -11.32 -12.29
CA ALA C 352 -0.23 -11.19 -10.89
C ALA C 352 0.47 -12.23 -10.01
N ALA C 353 0.64 -13.44 -10.52
CA ALA C 353 1.42 -14.45 -9.79
C ALA C 353 2.91 -14.06 -9.58
N LYS C 354 3.53 -13.38 -10.54
CA LYS C 354 4.91 -12.90 -10.38
C LYS C 354 4.97 -11.80 -9.35
N LEU C 355 4.02 -10.89 -9.46
CA LEU C 355 3.90 -9.76 -8.55
C LEU C 355 3.69 -10.26 -7.13
N SER C 356 3.00 -11.37 -6.98
CA SER C 356 2.66 -11.87 -5.67
C SER C 356 3.85 -12.49 -5.00
N GLN C 357 4.46 -13.47 -5.65
CA GLN C 357 5.63 -14.15 -5.09
C GLN C 357 6.78 -13.18 -4.84
N ILE C 358 6.84 -12.06 -5.56
CA ILE C 358 7.81 -11.00 -5.25
C ILE C 358 7.57 -10.43 -3.87
N LEU C 359 6.31 -10.10 -3.58
CA LEU C 359 5.95 -9.48 -2.32
C LEU C 359 6.04 -10.50 -1.23
N LYS C 360 5.45 -11.66 -1.43
CA LYS C 360 5.61 -12.77 -0.50
C LYS C 360 7.09 -13.05 -0.21
N SER C 361 7.97 -12.86 -1.20
CA SER C 361 9.39 -13.06 -0.98
C SER C 361 10.04 -11.95 -0.17
N CYS C 362 9.93 -10.71 -0.62
CA CYS C 362 10.34 -9.55 0.18
C CYS C 362 9.77 -9.58 1.62
N GLU C 363 8.52 -10.01 1.79
CA GLU C 363 7.93 -10.13 3.12
C GLU C 363 8.81 -11.02 3.99
N THR C 364 9.13 -12.19 3.46
CA THR C 364 9.91 -13.20 4.19
C THR C 364 11.30 -12.71 4.56
N GLN C 365 11.95 -11.97 3.66
CA GLN C 365 13.24 -11.42 3.98
C GLN C 365 13.21 -10.40 5.12
N LEU C 366 12.17 -9.59 5.18
CA LEU C 366 12.03 -8.63 6.26
C LEU C 366 11.75 -9.35 7.56
N GLU C 367 10.83 -10.30 7.53
CA GLU C 367 10.60 -11.11 8.71
C GLU C 367 11.91 -11.68 9.18
N GLN C 368 12.71 -12.20 8.24
CA GLN C 368 14.02 -12.76 8.53
C GLN C 368 14.97 -11.76 9.22
N ILE C 369 14.98 -10.52 8.76
CA ILE C 369 15.78 -9.49 9.42
C ILE C 369 15.19 -9.16 10.78
N ASN C 370 13.88 -8.98 10.87
CA ASN C 370 13.26 -8.64 12.14
C ASN C 370 13.54 -9.68 13.22
N THR C 371 13.28 -10.94 12.91
CA THR C 371 13.61 -12.02 13.81
C THR C 371 14.97 -11.83 14.47
N ALA C 372 16.00 -11.70 13.64
CA ALA C 372 17.37 -11.58 14.14
C ALA C 372 17.59 -10.29 14.93
N ASP C 373 16.96 -9.21 14.49
CA ASP C 373 16.99 -7.93 15.21
C ASP C 373 16.47 -8.07 16.63
N LEU C 374 15.26 -8.63 16.78
CA LEU C 374 14.67 -8.83 18.12
C LEU C 374 15.57 -9.68 19.02
N ARG C 375 16.18 -10.73 18.48
CA ARG C 375 17.16 -11.55 19.23
C ARG C 375 18.27 -10.67 19.79
N GLU C 376 18.79 -9.80 18.93
CA GLU C 376 19.89 -8.94 19.27
C GLU C 376 19.48 -7.97 20.38
N ARG C 377 18.20 -7.61 20.41
CA ARG C 377 17.68 -6.68 21.41
C ARG C 377 17.46 -7.36 22.74
N GLN C 378 16.76 -8.50 22.71
CA GLN C 378 16.64 -9.36 23.89
C GLN C 378 18.02 -9.62 24.50
N MET C 379 19.00 -9.86 23.63
CA MET C 379 20.37 -10.10 24.03
C MET C 379 21.03 -8.90 24.69
N PHE C 380 20.65 -7.71 24.25
CA PHE C 380 21.17 -6.47 24.78
C PHE C 380 20.51 -6.14 26.12
N LEU C 381 19.19 -6.22 26.16
CA LEU C 381 18.40 -5.94 27.35
C LEU C 381 18.77 -6.85 28.50
N LEU C 382 18.82 -8.15 28.20
CA LEU C 382 19.14 -9.16 29.18
C LEU C 382 20.56 -8.96 29.66
N GLU C 383 21.45 -8.46 28.81
CA GLU C 383 22.86 -8.27 29.20
C GLU C 383 23.15 -6.90 29.81
N ASN C 384 22.27 -5.94 29.62
CA ASN C 384 22.43 -4.62 30.22
C ASN C 384 21.16 -4.36 31.01
N GLY C 385 20.27 -3.49 30.55
CA GLY C 385 19.02 -3.25 31.28
C GLY C 385 19.46 -2.78 32.63
N ASN C 386 18.98 -3.40 33.70
CA ASN C 386 19.53 -3.22 35.08
C ASN C 386 20.16 -1.86 35.31
N TYR C 387 21.28 -1.66 34.63
CA TYR C 387 22.13 -0.49 34.77
C TYR C 387 21.65 0.72 33.94
N LEU C 388 20.58 0.56 33.16
CA LEU C 388 20.08 1.63 32.31
C LEU C 388 18.60 1.86 32.58
N PRO C 389 18.21 3.13 32.78
CA PRO C 389 16.82 3.47 33.07
C PRO C 389 16.03 3.74 31.81
N GLU C 390 14.73 3.45 31.83
CA GLU C 390 13.93 3.69 30.64
C GLU C 390 14.00 5.15 30.24
N THR C 391 14.42 6.01 31.15
CA THR C 391 14.44 7.44 30.89
C THR C 391 15.59 7.87 29.96
N ILE C 392 16.64 7.05 29.84
CA ILE C 392 17.79 7.39 28.98
C ILE C 392 17.47 7.40 27.48
N TRP C 393 16.46 6.63 27.10
CA TRP C 393 16.03 6.51 25.69
C TRP C 393 14.53 6.16 25.67
N PRO C 394 13.69 7.10 26.15
CA PRO C 394 12.27 6.83 26.47
C PRO C 394 11.58 5.98 25.42
N ASP C 395 10.92 4.91 25.85
CA ASP C 395 10.14 4.05 24.95
C ASP C 395 10.96 3.66 23.71
N GLU C 396 12.04 2.93 23.91
CA GLU C 396 12.91 2.49 22.79
C GLU C 396 14.04 1.53 23.18
N ILE C 397 14.27 1.33 24.47
CA ILE C 397 15.22 0.32 24.93
C ILE C 397 14.51 -0.99 25.15
N GLY C 398 13.23 -0.93 25.50
CA GLY C 398 12.43 -2.15 25.72
C GLY C 398 11.30 -2.32 24.73
N SER C 399 11.44 -1.72 23.55
CA SER C 399 10.32 -1.64 22.60
C SER C 399 9.85 -3.01 22.05
N LEU C 400 10.78 -3.86 21.64
CA LEU C 400 10.45 -5.17 21.03
C LEU C 400 9.63 -5.15 19.70
N SER C 401 8.84 -4.09 19.47
CA SER C 401 8.06 -3.95 18.23
C SER C 401 8.99 -3.65 17.03
N PRO C 402 8.62 -4.17 15.83
CA PRO C 402 9.47 -4.16 14.63
C PRO C 402 9.59 -2.80 13.98
N LEU C 403 10.65 -2.62 13.20
CA LEU C 403 10.99 -1.29 12.67
C LEU C 403 10.26 -0.89 11.40
N TYR C 404 9.53 -1.83 10.79
CA TYR C 404 8.90 -1.64 9.48
C TYR C 404 7.46 -2.15 9.51
N THR C 405 6.60 -1.48 8.75
CA THR C 405 5.22 -1.94 8.60
C THR C 405 4.95 -2.05 7.12
N LEU C 406 4.43 -3.21 6.73
CA LEU C 406 4.26 -3.55 5.33
C LEU C 406 2.89 -4.13 5.12
N ASN C 407 2.17 -3.61 4.15
CA ASN C 407 0.92 -4.27 3.75
C ASN C 407 0.65 -4.13 2.26
N TYR C 408 0.28 -5.26 1.65
CA TYR C 408 0.15 -5.34 0.20
C TYR C 408 -1.06 -6.20 -0.18
N GLU C 409 -1.83 -5.70 -1.13
CA GLU C 409 -2.84 -6.51 -1.79
C GLU C 409 -2.47 -6.64 -3.26
N VAL C 410 -2.62 -7.85 -3.76
CA VAL C 410 -2.49 -8.15 -5.17
C VAL C 410 -3.88 -8.58 -5.67
N ARG C 411 -4.43 -7.83 -6.61
CA ARG C 411 -5.74 -8.13 -7.18
C ARG C 411 -5.82 -9.55 -7.77
N LYS C 412 -6.98 -10.20 -7.64
CA LYS C 412 -7.23 -11.50 -8.33
C LYS C 412 -7.95 -11.24 -9.67
N VAL C 413 -7.68 -12.10 -10.65
CA VAL C 413 -8.33 -11.99 -11.98
C VAL C 413 -7.95 -13.18 -12.87
N MET D 1 44.22 -31.23 98.21
CA MET D 1 43.07 -31.53 97.29
C MET D 1 43.53 -32.46 96.17
N ASN D 2 44.21 -33.52 96.58
CA ASN D 2 44.77 -34.49 95.67
C ASN D 2 45.32 -35.64 96.50
N SER D 3 44.46 -36.22 97.34
CA SER D 3 44.78 -37.45 98.10
C SER D 3 46.04 -37.37 98.96
N GLU D 4 47.19 -37.17 98.32
CA GLU D 4 48.43 -36.88 99.02
C GLU D 4 48.38 -35.48 99.67
N ASN D 5 47.61 -34.55 99.08
CA ASN D 5 47.53 -33.18 99.57
C ASN D 5 46.41 -32.95 100.60
N THR D 6 45.35 -33.77 100.56
CA THR D 6 44.23 -33.64 101.53
C THR D 6 43.85 -34.94 102.25
N ILE D 7 43.17 -34.78 103.39
CA ILE D 7 42.55 -35.90 104.12
C ILE D 7 41.20 -35.49 104.72
N VAL D 8 40.27 -36.44 104.75
CA VAL D 8 38.98 -36.21 105.38
C VAL D 8 38.78 -37.13 106.60
N TYR D 9 38.36 -36.54 107.72
CA TYR D 9 37.99 -37.31 108.92
C TYR D 9 36.48 -37.33 109.08
N VAL D 10 35.89 -38.51 108.94
CA VAL D 10 34.45 -38.70 109.11
C VAL D 10 34.21 -39.26 110.49
N ARG D 11 33.65 -38.46 111.39
CA ARG D 11 33.45 -38.90 112.77
C ARG D 11 31.97 -39.09 113.11
N VAL D 12 31.61 -40.34 113.42
CA VAL D 12 30.24 -40.75 113.72
C VAL D 12 30.00 -40.90 115.25
N ALA D 13 28.77 -40.59 115.69
CA ALA D 13 28.46 -40.48 117.13
C ALA D 13 28.19 -41.82 117.85
N GLY D 14 27.43 -42.71 117.22
CA GLY D 14 27.27 -44.08 117.73
C GLY D 14 28.38 -45.01 117.25
N ARG D 15 28.14 -45.68 116.12
CA ARG D 15 28.97 -46.80 115.60
C ARG D 15 30.39 -46.93 116.20
N ASP D 22 38.03 -48.93 107.48
CA ASP D 22 38.67 -47.77 106.87
C ASP D 22 39.20 -48.09 105.45
N PRO D 23 38.68 -47.38 104.42
CA PRO D 23 39.04 -47.69 103.02
C PRO D 23 40.48 -47.39 102.66
N LEU D 24 41.02 -48.10 101.68
CA LEU D 24 42.41 -47.93 101.23
C LEU D 24 42.57 -46.63 100.44
N LYS D 25 43.54 -45.80 100.85
CA LYS D 25 43.80 -44.53 100.20
C LYS D 25 44.06 -44.75 98.71
N PHE D 26 43.44 -43.93 97.85
CA PHE D 26 43.78 -43.93 96.42
C PHE D 26 43.87 -42.48 95.90
N TYR D 27 43.90 -42.30 94.58
CA TYR D 27 44.10 -40.95 94.00
C TYR D 27 43.11 -40.66 92.89
N TRP D 28 42.58 -39.43 92.88
CA TRP D 28 41.72 -38.99 91.79
C TRP D 28 41.99 -37.54 91.43
N ASP D 29 41.99 -37.30 90.13
CA ASP D 29 42.41 -36.07 89.52
C ASP D 29 41.26 -35.69 88.60
N LEU D 30 41.11 -34.42 88.24
CA LEU D 30 40.15 -34.07 87.19
C LEU D 30 40.51 -34.83 85.93
N GLU D 31 41.80 -34.84 85.57
CA GLU D 31 42.24 -35.60 84.39
C GLU D 31 41.71 -37.03 84.43
N ARG D 32 41.95 -37.73 85.55
CA ARG D 32 41.47 -39.10 85.70
C ARG D 32 39.94 -39.19 85.58
N ASP D 33 39.21 -38.17 86.07
CA ASP D 33 37.74 -38.12 85.95
C ASP D 33 37.32 -37.86 84.48
N ARG D 34 38.07 -37.01 83.77
CA ARG D 34 37.79 -36.73 82.36
C ARG D 34 38.11 -37.96 81.47
N SER D 35 39.09 -38.77 81.91
CA SER D 35 39.51 -39.99 81.19
C SER D 35 38.46 -41.12 81.31
N LEU D 36 38.21 -41.56 82.54
CA LEU D 36 37.26 -42.64 82.80
C LEU D 36 35.83 -42.31 82.31
N TRP D 37 35.54 -41.02 82.09
CA TRP D 37 34.28 -40.63 81.43
C TRP D 37 34.25 -41.06 79.97
N SER D 38 35.32 -40.73 79.24
CA SER D 38 35.46 -41.14 77.83
C SER D 38 35.31 -42.65 77.70
N SER D 39 35.94 -43.37 78.62
CA SER D 39 35.77 -44.82 78.72
C SER D 39 34.31 -45.20 78.93
N VAL D 40 33.67 -44.64 79.97
CA VAL D 40 32.24 -44.90 80.27
C VAL D 40 31.28 -44.34 79.22
N SER D 41 31.76 -43.36 78.45
CA SER D 41 31.00 -42.82 77.32
C SER D 41 30.88 -43.86 76.19
N LYS D 42 31.86 -44.75 76.07
CA LYS D 42 31.82 -45.86 75.10
C LYS D 42 30.45 -46.57 75.14
N LEU D 43 30.07 -47.07 76.32
CA LEU D 43 28.74 -47.66 76.57
C LEU D 43 27.71 -46.58 76.92
N UNK D 44 33.98 -55.95 82.80
CA UNK D 44 33.50 -54.57 82.87
C UNK D 44 34.00 -53.90 84.17
N UNK D 45 33.10 -53.70 85.15
CA UNK D 45 33.42 -52.92 86.38
C UNK D 45 34.75 -53.32 87.05
N UNK D 46 34.94 -54.61 87.33
CA UNK D 46 36.15 -55.10 88.02
C UNK D 46 37.44 -54.74 87.26
N UNK D 47 37.39 -54.79 85.93
CA UNK D 47 38.55 -54.47 85.07
C UNK D 47 38.80 -52.95 84.88
N UNK D 48 37.72 -52.17 84.68
CA UNK D 48 37.80 -50.70 84.51
C UNK D 48 38.19 -50.03 85.81
N UNK D 49 37.79 -50.65 86.92
CA UNK D 49 38.16 -50.19 88.26
C UNK D 49 39.62 -50.47 88.61
N UNK D 50 40.09 -51.68 88.27
CA UNK D 50 41.47 -52.06 88.56
C UNK D 50 42.47 -51.29 87.70
N UNK D 51 42.02 -50.84 86.52
CA UNK D 51 42.84 -50.00 85.63
C UNK D 51 43.12 -48.58 86.19
N UNK D 52 42.26 -48.07 87.07
CA UNK D 52 42.49 -46.77 87.72
C UNK D 52 42.70 -46.84 89.28
N UNK D 53 41.67 -47.23 90.04
CA UNK D 53 41.77 -47.41 91.52
C UNK D 53 40.57 -48.17 92.19
N UNK D 54 39.74 -47.47 92.98
CA UNK D 54 38.61 -48.10 93.71
C UNK D 54 37.34 -48.31 92.84
N UNK D 55 36.54 -49.33 93.16
CA UNK D 55 35.35 -49.65 92.36
C UNK D 55 34.14 -48.79 92.76
N UNK D 56 33.84 -48.74 94.06
CA UNK D 56 32.76 -47.90 94.59
C UNK D 56 32.83 -46.50 93.97
N UNK D 57 34.05 -45.91 93.96
CA UNK D 57 34.30 -44.55 93.43
C UNK D 57 34.04 -44.44 91.92
N UNK D 58 34.58 -45.39 91.16
CA UNK D 58 34.43 -45.37 89.70
C UNK D 58 32.93 -45.44 89.36
N UNK D 59 32.21 -46.28 90.10
CA UNK D 59 30.80 -46.47 89.83
C UNK D 59 30.06 -45.15 90.09
N UNK D 60 30.31 -44.57 91.26
CA UNK D 60 29.62 -43.34 91.68
C UNK D 60 29.93 -42.23 90.69
N UNK D 61 31.22 -41.99 90.41
CA UNK D 61 31.67 -40.94 89.48
C UNK D 61 31.11 -41.17 88.05
N UNK D 62 31.01 -42.44 87.65
CA UNK D 62 30.40 -42.81 86.38
C UNK D 62 28.88 -42.56 86.39
N UNK D 63 28.20 -43.07 87.41
CA UNK D 63 26.75 -42.94 87.52
C UNK D 63 26.35 -41.47 87.52
N UNK D 64 27.17 -40.66 88.19
CA UNK D 64 26.92 -39.24 88.34
C UNK D 64 27.17 -38.45 87.04
N UNK D 65 28.27 -38.74 86.35
CA UNK D 65 28.57 -38.09 85.08
C UNK D 65 27.47 -38.40 84.04
N UNK D 66 26.90 -39.62 84.10
CA UNK D 66 25.85 -40.06 83.18
C UNK D 66 24.55 -39.29 83.38
N UNK D 67 24.19 -39.05 84.64
CA UNK D 67 23.03 -38.23 84.98
C UNK D 67 23.23 -36.76 84.57
N UNK D 68 24.49 -36.31 84.55
CA UNK D 68 24.85 -34.95 84.16
C UNK D 68 24.60 -34.69 82.66
N UNK D 69 25.15 -35.54 81.80
CA UNK D 69 24.91 -35.48 80.35
C UNK D 69 23.41 -35.59 80.03
N UNK D 70 22.69 -36.33 80.88
CA UNK D 70 21.23 -36.53 80.75
C UNK D 70 20.45 -35.22 80.88
N UNK D 71 20.52 -34.60 82.08
CA UNK D 71 19.77 -33.36 82.35
C UNK D 71 19.93 -32.36 81.19
N UNK D 72 21.16 -32.23 80.69
CA UNK D 72 21.45 -31.50 79.46
C UNK D 72 20.74 -32.16 78.27
N VAL E 9 23.77 -50.39 107.38
CA VAL E 9 24.33 -49.52 106.29
C VAL E 9 25.60 -48.80 106.76
N LEU E 10 26.47 -48.45 105.82
CA LEU E 10 27.75 -47.79 106.12
C LEU E 10 28.44 -47.31 104.83
N GLU E 11 27.65 -46.85 103.85
CA GLU E 11 28.14 -46.52 102.50
C GLU E 11 29.35 -45.59 102.56
N PRO E 12 30.42 -45.92 101.82
CA PRO E 12 31.61 -45.10 101.96
C PRO E 12 31.34 -43.63 101.61
N PHE E 13 31.99 -42.71 102.31
CA PHE E 13 31.81 -41.29 102.07
C PHE E 13 32.61 -40.83 100.84
N THR E 14 32.10 -39.80 100.20
CA THR E 14 32.75 -39.19 99.05
C THR E 14 32.82 -37.69 99.23
N VAL E 15 33.95 -37.11 98.86
CA VAL E 15 34.19 -35.70 99.13
C VAL E 15 34.80 -35.01 97.90
N THR E 16 34.20 -33.90 97.48
CA THR E 16 34.73 -33.11 96.37
C THR E 16 34.67 -31.61 96.62
N VAL E 17 35.83 -30.98 96.63
CA VAL E 17 35.95 -29.56 96.84
C VAL E 17 36.07 -28.82 95.52
N VAL E 18 35.16 -27.88 95.31
CA VAL E 18 35.11 -27.17 94.05
C VAL E 18 35.56 -25.76 94.28
N ASP E 19 36.65 -25.39 93.62
CA ASP E 19 37.16 -24.03 93.64
C ASP E 19 36.48 -23.22 92.56
N ARG E 20 35.90 -22.10 92.93
CA ARG E 20 35.12 -21.29 91.98
C ARG E 20 35.92 -20.09 91.49
N ASN E 21 37.15 -19.95 91.96
CA ASN E 21 37.95 -18.78 91.66
C ASN E 21 37.84 -18.50 90.19
N VAL E 22 37.56 -17.26 89.86
CA VAL E 22 37.37 -16.85 88.48
C VAL E 22 38.66 -16.99 87.68
N LYS E 23 39.23 -18.19 87.63
CA LYS E 23 40.25 -18.52 86.68
C LYS E 23 39.66 -19.69 85.90
N HIS E 24 38.53 -19.40 85.26
CA HIS E 24 37.95 -20.21 84.20
C HIS E 24 38.25 -19.56 82.85
N GLN E 25 39.09 -18.51 82.88
CA GLN E 25 39.57 -17.85 81.66
C GLN E 25 40.42 -18.81 80.79
N VAL E 26 41.46 -19.41 81.39
CA VAL E 26 42.38 -20.32 80.66
C VAL E 26 41.79 -21.72 80.42
N PRO E 36 30.32 -30.59 81.33
CA PRO E 36 30.19 -30.24 82.75
C PRO E 36 31.45 -30.50 83.58
N ASP E 37 32.20 -31.56 83.25
CA ASP E 37 33.47 -31.84 83.94
C ASP E 37 34.53 -30.85 83.47
N HIS E 38 35.25 -31.19 82.41
CA HIS E 38 36.43 -30.43 81.98
C HIS E 38 36.10 -29.08 81.31
N GLU E 39 34.85 -28.61 81.40
CA GLU E 39 34.49 -27.28 80.94
C GLU E 39 35.39 -26.24 81.57
N VAL E 40 35.36 -26.18 82.90
CA VAL E 40 36.16 -25.24 83.68
C VAL E 40 36.88 -26.01 84.77
N GLN E 41 38.22 -25.91 84.80
CA GLN E 41 38.99 -26.61 85.82
C GLN E 41 38.77 -25.98 87.22
N GLY E 42 38.47 -26.83 88.21
CA GLY E 42 38.03 -26.37 89.52
C GLY E 42 37.74 -27.48 90.52
N VAL E 43 37.09 -28.55 90.05
CA VAL E 43 36.70 -29.65 90.93
C VAL E 43 37.96 -30.40 91.38
N MET E 44 37.96 -30.81 92.66
CA MET E 44 39.09 -31.51 93.28
C MET E 44 38.50 -32.67 94.10
N PHE E 45 39.34 -33.67 94.44
CA PHE E 45 38.84 -34.93 95.07
C PHE E 45 39.61 -35.34 96.33
N ALA E 46 38.92 -35.34 97.47
CA ALA E 46 39.49 -35.82 98.71
C ALA E 46 39.26 -37.31 98.75
N THR E 47 40.35 -38.06 98.64
CA THR E 47 40.30 -39.50 98.49
C THR E 47 40.80 -40.21 99.75
N ASN E 48 41.59 -39.50 100.54
CA ASN E 48 42.07 -40.01 101.81
C ASN E 48 40.95 -39.81 102.83
N VAL E 49 40.10 -40.82 102.97
CA VAL E 49 38.97 -40.79 103.91
C VAL E 49 39.17 -41.72 105.12
N LYS E 50 39.49 -41.12 106.27
CA LYS E 50 39.65 -41.84 107.55
C LYS E 50 38.48 -41.57 108.51
N TYR E 51 38.08 -42.57 109.29
CA TYR E 51 36.88 -42.51 110.15
C TYR E 51 37.20 -42.62 111.65
N ILE E 52 36.45 -41.88 112.46
CA ILE E 52 36.71 -41.74 113.90
C ILE E 52 35.38 -41.88 114.65
N PHE E 53 35.40 -42.52 115.83
CA PHE E 53 34.14 -42.80 116.58
C PHE E 53 34.17 -42.33 118.04
N GLU E 54 33.26 -41.41 118.38
CA GLU E 54 33.11 -40.92 119.77
C GLU E 54 32.74 -42.07 120.71
N ASP E 55 31.51 -42.58 120.61
CA ASP E 55 31.08 -43.73 121.41
C ASP E 55 31.70 -45.03 120.88
N LEU E 59 38.07 -44.28 119.98
CA LEU E 59 38.91 -43.74 118.88
C LEU E 59 39.11 -42.21 119.00
N LEU E 60 40.32 -41.74 118.72
CA LEU E 60 40.67 -40.32 118.85
C LEU E 60 41.00 -39.79 117.45
N PRO E 61 41.19 -38.46 117.30
CA PRO E 61 41.60 -37.92 115.99
C PRO E 61 43.10 -38.07 115.74
N GLU E 62 43.66 -37.28 114.83
CA GLU E 62 45.10 -37.19 114.70
C GLU E 62 45.68 -36.18 115.71
N GLN E 63 47.00 -36.22 115.87
CA GLN E 63 47.73 -35.23 116.67
C GLN E 63 48.79 -34.45 115.84
N GLU E 64 49.00 -34.84 114.58
CA GLU E 64 49.98 -34.21 113.68
C GLU E 64 50.15 -35.07 112.42
N ASP E 65 50.03 -34.46 111.24
CA ASP E 65 50.09 -35.16 109.95
C ASP E 65 51.36 -34.77 109.17
N PRO E 66 52.03 -35.73 108.51
CA PRO E 66 53.32 -35.42 107.87
C PRO E 66 53.22 -34.59 106.59
N ALA E 67 53.32 -33.26 106.72
CA ALA E 67 53.30 -32.32 105.58
C ALA E 67 52.02 -32.37 104.72
N ILE E 68 50.86 -32.29 105.39
CA ILE E 68 49.58 -32.57 104.76
C ILE E 68 48.92 -31.42 103.95
N GLU E 69 48.90 -30.21 104.52
CA GLU E 69 48.32 -28.98 103.91
C GLU E 69 46.78 -28.77 103.92
N ASN E 70 45.97 -29.84 103.76
CA ASN E 70 44.50 -29.69 103.67
C ASN E 70 43.73 -30.76 104.46
N VAL E 71 42.87 -30.33 105.36
CA VAL E 71 42.07 -31.26 106.18
C VAL E 71 40.58 -30.94 106.08
N VAL E 72 39.76 -31.99 106.10
CA VAL E 72 38.31 -31.85 106.02
C VAL E 72 37.63 -32.64 107.13
N ILE E 73 37.02 -31.95 108.08
CA ILE E 73 36.37 -32.62 109.20
C ILE E 73 34.89 -32.74 108.93
N ILE E 74 34.41 -33.99 108.82
CA ILE E 74 32.99 -34.30 108.55
C ILE E 74 32.33 -34.87 109.78
N GLU E 75 31.62 -34.00 110.48
CA GLU E 75 30.88 -34.35 111.68
C GLU E 75 29.60 -35.07 111.26
N ALA E 76 29.45 -36.32 111.69
CA ALA E 76 28.31 -37.16 111.29
C ALA E 76 27.43 -37.60 112.45
N ASP E 77 26.20 -37.95 112.08
CA ASP E 77 25.17 -38.43 113.00
C ASP E 77 25.49 -39.84 113.47
N GLU E 78 24.53 -40.45 114.17
CA GLU E 78 24.55 -41.88 114.46
C GLU E 78 23.92 -42.66 113.30
N SER E 79 23.20 -41.92 112.44
CA SER E 79 22.67 -42.43 111.19
C SER E 79 23.53 -41.96 110.01
N LEU E 80 24.67 -41.36 110.32
CA LEU E 80 25.52 -40.74 109.30
C LEU E 80 24.71 -39.69 108.51
N ARG E 81 24.38 -38.59 109.16
CA ARG E 81 23.61 -37.50 108.52
C ARG E 81 24.45 -36.31 108.15
N VAL E 82 25.65 -36.22 108.72
CA VAL E 82 26.53 -35.11 108.41
C VAL E 82 25.94 -33.86 109.00
N THR E 83 26.28 -33.61 110.24
CA THR E 83 25.79 -32.44 110.96
C THR E 83 26.65 -31.23 110.63
N GLN E 84 27.90 -31.46 110.22
CA GLN E 84 28.80 -30.36 109.90
C GLN E 84 29.94 -30.84 109.00
N VAL E 85 30.34 -29.99 108.06
CA VAL E 85 31.57 -30.18 107.30
C VAL E 85 32.44 -28.93 107.46
N GLU E 86 33.74 -29.14 107.68
CA GLU E 86 34.66 -28.03 107.89
C GLU E 86 35.88 -28.24 107.03
N LEU E 87 36.41 -27.15 106.52
CA LEU E 87 37.56 -27.19 105.64
C LEU E 87 38.73 -26.46 106.25
N ILE E 88 39.82 -27.20 106.45
CA ILE E 88 40.97 -26.67 107.15
C ILE E 88 42.11 -26.59 106.16
N SER E 89 42.28 -25.39 105.60
CA SER E 89 43.35 -25.15 104.67
C SER E 89 43.71 -23.68 104.61
N ASP E 90 44.98 -23.43 104.30
CA ASP E 90 45.49 -22.10 104.08
C ASP E 90 45.13 -21.64 102.66
N GLN E 91 45.19 -22.58 101.71
CA GLN E 91 45.07 -22.29 100.29
C GLN E 91 43.63 -22.04 99.87
N PHE E 92 42.73 -22.94 100.26
CA PHE E 92 41.30 -22.82 99.96
C PHE E 92 40.49 -22.58 101.23
N LYS E 93 39.42 -21.80 101.10
CA LYS E 93 38.52 -21.50 102.21
C LYS E 93 37.13 -21.89 101.80
N GLN E 94 36.39 -22.57 102.68
CA GLN E 94 35.05 -22.96 102.30
C GLN E 94 34.03 -21.80 102.44
N VAL E 95 33.03 -21.85 101.57
CA VAL E 95 31.96 -20.87 101.50
C VAL E 95 30.60 -21.55 101.51
N GLY E 96 30.62 -22.86 101.23
CA GLY E 96 29.41 -23.64 101.05
C GLY E 96 29.72 -25.11 101.21
N TYR E 97 28.77 -25.96 100.86
CA TYR E 97 28.70 -27.29 101.42
C TYR E 97 27.29 -27.73 101.10
N GLU E 98 27.20 -28.81 100.35
CA GLU E 98 25.93 -29.42 100.09
C GLU E 98 26.18 -30.92 100.15
N VAL E 99 25.22 -31.67 100.69
CA VAL E 99 25.42 -33.09 100.91
C VAL E 99 24.37 -33.88 100.14
N ARG E 100 24.83 -34.70 99.19
CA ARG E 100 23.97 -35.32 98.19
C ARG E 100 23.77 -36.78 98.49
N ASP E 101 22.65 -37.29 97.98
CA ASP E 101 22.16 -38.62 98.26
C ASP E 101 23.30 -39.62 98.31
N GLY E 102 23.44 -40.30 99.44
CA GLY E 102 24.46 -41.34 99.60
C GLY E 102 25.81 -40.80 100.02
N ASN E 103 25.81 -39.85 100.94
CA ASN E 103 27.05 -39.33 101.50
C ASN E 103 28.10 -38.96 100.46
N GLU E 104 27.64 -38.16 99.50
CA GLU E 104 28.50 -37.39 98.64
C GLU E 104 28.41 -35.98 99.17
N VAL E 105 29.50 -35.44 99.71
CA VAL E 105 29.52 -34.04 100.12
C VAL E 105 30.34 -33.22 99.11
N CYS E 106 29.78 -32.09 98.70
CA CYS E 106 30.45 -31.18 97.80
C CYS E 106 30.65 -29.85 98.53
N ILE E 107 31.90 -29.40 98.60
CA ILE E 107 32.27 -28.17 99.31
C ILE E 107 32.65 -27.04 98.35
N ASP E 108 31.85 -25.97 98.31
CA ASP E 108 32.17 -24.75 97.53
C ASP E 108 33.29 -23.98 98.16
N ALA E 109 34.48 -24.03 97.61
CA ALA E 109 35.56 -23.25 98.20
C ALA E 109 36.05 -22.14 97.27
N LEU E 110 37.22 -21.62 97.57
CA LEU E 110 37.74 -20.47 96.86
C LEU E 110 39.22 -20.35 97.05
N SER E 111 39.96 -20.21 95.95
CA SER E 111 41.38 -19.97 96.08
C SER E 111 41.64 -18.48 96.05
N ARG E 112 42.90 -18.16 96.28
CA ARG E 112 43.35 -16.83 96.59
C ARG E 112 43.21 -15.74 95.52
N PHE E 113 42.15 -15.68 94.73
CA PHE E 113 41.96 -14.49 93.88
C PHE E 113 43.25 -14.01 93.23
N GLU E 114 43.53 -14.41 91.99
CA GLU E 114 44.73 -13.91 91.31
C GLU E 114 44.38 -12.80 90.31
N THR E 115 45.41 -12.28 89.65
CA THR E 115 45.25 -11.31 88.59
C THR E 115 46.43 -11.46 87.63
N PRO E 116 46.36 -12.46 86.75
CA PRO E 116 47.42 -12.61 85.76
C PRO E 116 47.28 -11.52 84.69
N ARG E 117 48.35 -11.25 83.96
CA ARG E 117 48.28 -10.36 82.79
C ARG E 117 47.44 -10.99 81.68
N GLN E 118 47.50 -12.33 81.60
CA GLN E 118 46.73 -13.14 80.63
C GLN E 118 45.29 -12.69 80.39
N LEU E 119 44.61 -12.21 81.43
CA LEU E 119 43.20 -11.81 81.30
C LEU E 119 43.01 -10.33 80.98
N GLY E 120 44.11 -9.57 80.91
CA GLY E 120 44.05 -8.21 80.39
C GLY E 120 43.54 -8.18 78.95
N ASN E 121 43.77 -9.27 78.23
CA ASN E 121 43.31 -9.47 76.84
C ASN E 121 41.88 -10.04 76.69
N LEU E 122 41.01 -9.84 77.66
CA LEU E 122 39.62 -10.27 77.52
C LEU E 122 38.76 -9.04 77.16
N PRO E 123 37.54 -9.27 76.64
CA PRO E 123 36.64 -8.17 76.34
C PRO E 123 36.22 -7.46 77.60
N LEU E 124 36.01 -6.15 77.51
CA LEU E 124 35.48 -5.36 78.62
C LEU E 124 34.22 -5.98 79.22
N GLU E 125 33.22 -6.27 78.39
CA GLU E 125 32.00 -6.97 78.85
C GLU E 125 32.28 -8.13 79.84
N LYS E 126 33.26 -8.97 79.52
CA LYS E 126 33.55 -10.17 80.30
C LYS E 126 34.33 -9.78 81.54
N LEU E 127 35.30 -8.89 81.33
CA LEU E 127 36.05 -8.35 82.44
C LEU E 127 35.11 -7.75 83.48
N VAL E 128 34.15 -6.93 83.05
CA VAL E 128 33.12 -6.43 83.98
C VAL E 128 32.41 -7.58 84.66
N GLN E 129 32.01 -8.57 83.88
CA GLN E 129 31.29 -9.68 84.43
C GLN E 129 32.11 -10.39 85.46
N LEU E 130 33.41 -10.51 85.24
CA LEU E 130 34.27 -11.11 86.27
C LEU E 130 34.35 -10.26 87.52
N TYR E 131 34.75 -9.00 87.36
CA TYR E 131 34.82 -8.07 88.47
C TYR E 131 33.59 -8.18 89.37
N LYS E 132 32.41 -8.08 88.75
CA LYS E 132 31.13 -8.21 89.47
C LYS E 132 31.06 -9.55 90.19
N LEU E 133 31.51 -10.61 89.53
CA LEU E 133 31.49 -11.92 90.14
C LEU E 133 32.45 -12.00 91.31
N GLN E 134 33.60 -11.35 91.20
CA GLN E 134 34.58 -11.46 92.29
C GLN E 134 34.17 -10.63 93.49
N ASN E 135 33.36 -9.61 93.25
CA ASN E 135 32.67 -8.93 94.34
C ASN E 135 31.70 -9.84 95.09
N ASP E 136 30.93 -10.62 94.34
CA ASP E 136 30.06 -11.63 94.92
C ASP E 136 30.89 -12.60 95.77
N GLN E 137 31.95 -13.12 95.18
CA GLN E 137 32.81 -14.05 95.89
C GLN E 137 33.37 -13.40 97.16
N LEU E 138 33.63 -12.08 97.12
CA LEU E 138 34.17 -11.40 98.29
C LEU E 138 33.12 -11.34 99.37
N HIS E 139 31.91 -10.95 99.00
CA HIS E 139 30.80 -10.90 99.94
C HIS E 139 30.57 -12.24 100.63
N SER E 140 30.61 -13.32 99.86
CA SER E 140 30.48 -14.64 100.43
C SER E 140 31.53 -14.85 101.50
N LEU E 141 32.78 -14.60 101.16
CA LEU E 141 33.90 -14.78 102.09
C LEU E 141 33.68 -13.98 103.36
N PHE E 142 33.35 -12.70 103.19
CA PHE E 142 33.18 -11.76 104.30
C PHE E 142 32.17 -12.31 105.30
N ASN E 143 31.08 -12.86 104.78
CA ASN E 143 30.06 -13.44 105.63
C ASN E 143 30.44 -14.75 106.32
N THR E 144 31.69 -15.18 106.20
CA THR E 144 32.16 -16.35 106.94
C THR E 144 33.12 -15.94 108.04
N LEU E 145 33.13 -14.65 108.36
CA LEU E 145 33.91 -14.18 109.50
C LEU E 145 33.04 -14.16 110.77
N HIS E 146 31.76 -13.82 110.61
CA HIS E 146 30.86 -13.71 111.75
C HIS E 146 30.73 -15.06 112.48
N ASN F 2 36.20 -56.56 159.12
CA ASN F 2 36.68 -56.80 157.72
C ASN F 2 35.60 -56.53 156.68
N GLU F 3 34.51 -57.32 156.69
CA GLU F 3 33.36 -57.04 155.83
C GLU F 3 32.61 -55.79 156.32
N ALA F 4 32.91 -55.35 157.55
CA ALA F 4 32.39 -54.11 158.13
C ALA F 4 33.18 -52.88 157.66
N VAL F 5 34.49 -52.89 157.89
CA VAL F 5 35.36 -51.75 157.60
C VAL F 5 35.60 -51.57 156.09
N ILE F 6 35.28 -52.59 155.28
CA ILE F 6 35.34 -52.50 153.81
C ILE F 6 34.35 -51.48 153.28
N GLU F 7 33.11 -51.55 153.77
CA GLU F 7 32.06 -50.64 153.34
C GLU F 7 32.30 -49.21 153.84
N LYS F 8 33.04 -49.06 154.94
CA LYS F 8 33.49 -47.74 155.40
C LYS F 8 34.45 -47.11 154.39
N LEU F 9 35.34 -47.92 153.82
CA LEU F 9 36.27 -47.45 152.79
C LEU F 9 35.56 -47.19 151.47
N LEU F 10 34.63 -48.06 151.09
CA LEU F 10 33.89 -47.91 149.83
C LEU F 10 32.98 -46.66 149.85
N GLU F 11 32.27 -46.43 150.94
CA GLU F 11 31.42 -45.24 151.02
C GLU F 11 32.23 -43.95 151.10
N ASN F 12 33.42 -44.00 151.70
CA ASN F 12 34.35 -42.86 151.68
C ASN F 12 34.98 -42.67 150.29
N SER F 13 35.13 -43.76 149.53
CA SER F 13 35.64 -43.68 148.14
C SER F 13 34.61 -43.08 147.20
N ARG F 14 33.36 -43.52 147.33
CA ARG F 14 32.27 -43.03 146.49
C ARG F 14 32.01 -41.54 146.76
N LYS F 15 32.12 -41.14 148.03
CA LYS F 15 31.98 -39.72 148.44
C LYS F 15 32.94 -38.82 147.69
N PHE F 16 34.22 -39.17 147.71
CA PHE F 16 35.25 -38.39 147.03
C PHE F 16 35.24 -38.51 145.51
N LEU F 17 34.80 -39.66 144.98
CA LEU F 17 34.69 -39.83 143.54
C LEU F 17 33.56 -38.93 143.02
N THR F 18 32.36 -39.14 143.51
CA THR F 18 31.21 -38.33 143.08
C THR F 18 31.54 -36.84 143.23
N GLY F 19 32.22 -36.52 144.32
CA GLY F 19 32.66 -35.15 144.58
C GLY F 19 33.60 -34.64 143.49
N ALA F 20 34.56 -35.47 143.12
CA ALA F 20 35.56 -35.08 142.11
C ALA F 20 34.97 -34.97 140.69
N LYS F 21 33.83 -35.60 140.44
CA LYS F 21 33.16 -35.47 139.13
C LYS F 21 32.46 -34.13 139.00
N LEU F 22 31.95 -33.62 140.11
CA LEU F 22 31.35 -32.29 140.13
C LEU F 22 32.44 -31.22 139.94
N ILE F 23 33.59 -31.42 140.55
CA ILE F 23 34.67 -30.43 140.53
C ILE F 23 35.44 -30.44 139.19
N CYS F 24 35.58 -31.62 138.58
CA CYS F 24 36.16 -31.74 137.23
C CYS F 24 35.20 -31.28 136.14
N GLN F 25 33.91 -31.58 136.32
CA GLN F 25 32.89 -31.20 135.34
C GLN F 25 32.72 -29.68 135.20
N GLU F 26 32.87 -28.94 136.30
CA GLU F 26 32.86 -27.47 136.21
C GLU F 26 34.04 -26.97 135.39
N SER F 27 35.23 -27.40 135.81
CA SER F 27 36.50 -26.90 135.28
C SER F 27 36.85 -27.38 133.85
N ASN F 28 36.34 -28.55 133.47
CA ASN F 28 36.47 -29.01 132.09
C ASN F 28 35.59 -28.20 131.16
N ASP F 29 34.33 -28.00 131.55
CA ASP F 29 33.45 -27.11 130.79
C ASP F 29 34.13 -25.76 130.51
N HIS F 30 34.71 -25.15 131.54
CA HIS F 30 35.36 -23.87 131.37
C HIS F 30 36.45 -24.01 130.31
N LEU F 31 37.34 -24.99 130.50
CA LEU F 31 38.41 -25.24 129.51
C LEU F 31 37.88 -25.48 128.09
N THR F 32 37.11 -26.52 127.89
CA THR F 32 36.55 -26.82 126.57
C THR F 32 35.93 -25.58 125.89
N THR F 33 35.16 -24.78 126.62
CA THR F 33 34.60 -23.56 126.03
C THR F 33 35.72 -22.61 125.57
N THR F 34 36.62 -22.31 126.49
CA THR F 34 37.76 -21.42 126.21
C THR F 34 38.61 -21.93 125.03
N LYS F 35 39.04 -23.20 125.08
CA LYS F 35 39.76 -23.82 123.95
C LYS F 35 39.04 -23.59 122.62
N LEU F 36 37.70 -23.56 122.65
CA LEU F 36 36.89 -23.31 121.46
C LEU F 36 36.82 -21.83 121.08
N ARG F 37 36.87 -20.93 122.06
CA ARG F 37 36.88 -19.49 121.76
C ARG F 37 38.24 -19.11 121.15
N ILE F 38 39.31 -19.66 121.72
CA ILE F 38 40.65 -19.55 121.15
C ILE F 38 40.65 -20.04 119.70
N ARG F 39 40.18 -21.27 119.52
CA ARG F 39 40.23 -21.91 118.22
C ARG F 39 39.35 -21.15 117.24
N GLU F 40 38.26 -20.56 117.72
CA GLU F 40 37.37 -19.80 116.86
C GLU F 40 37.99 -18.49 116.38
N TRP F 41 38.72 -17.85 117.27
CA TRP F 41 39.45 -16.63 116.90
C TRP F 41 40.62 -16.96 115.98
N GLN F 42 41.30 -18.08 116.21
CA GLN F 42 42.37 -18.51 115.30
C GLN F 42 41.88 -18.56 113.86
N LYS F 43 40.79 -19.29 113.65
CA LYS F 43 40.19 -19.41 112.32
C LYS F 43 39.80 -18.05 111.73
N PHE F 44 39.31 -17.15 112.57
CA PHE F 44 38.94 -15.81 112.13
C PHE F 44 40.15 -15.09 111.57
N GLN F 45 41.26 -15.13 112.29
CA GLN F 45 42.43 -14.44 111.82
C GLN F 45 42.82 -14.93 110.43
N SER F 46 42.82 -16.24 110.23
CA SER F 46 43.17 -16.76 108.91
C SER F 46 42.20 -16.25 107.84
N LYS F 47 40.89 -16.43 108.05
CA LYS F 47 39.93 -16.01 107.03
C LYS F 47 39.94 -14.49 106.80
N LEU F 48 40.25 -13.71 107.84
CA LEU F 48 40.42 -12.28 107.65
C LEU F 48 41.61 -12.05 106.72
N HIS F 49 42.79 -12.43 107.20
CA HIS F 49 44.03 -12.37 106.41
C HIS F 49 43.81 -12.75 104.96
N PHE F 50 43.19 -13.91 104.73
CA PHE F 50 42.80 -14.36 103.40
C PHE F 50 41.93 -13.34 102.69
N VAL F 51 40.83 -12.93 103.33
CA VAL F 51 39.90 -11.96 102.73
C VAL F 51 40.61 -10.71 102.27
N LEU F 52 41.54 -10.22 103.07
CA LEU F 52 42.30 -9.07 102.64
C LEU F 52 43.00 -9.36 101.32
N ASP F 53 43.82 -10.41 101.29
CA ASP F 53 44.52 -10.77 100.06
C ASP F 53 43.58 -10.60 98.87
N CYS F 54 42.42 -11.22 98.97
CA CYS F 54 41.45 -11.15 97.90
C CYS F 54 41.01 -9.72 97.66
N ILE F 55 40.84 -8.91 98.70
CA ILE F 55 40.38 -7.54 98.46
C ILE F 55 41.43 -6.74 97.69
N GLN F 56 42.69 -7.02 97.97
CA GLN F 56 43.80 -6.36 97.28
C GLN F 56 43.88 -6.77 95.82
N GLN F 57 43.76 -8.06 95.54
CA GLN F 57 43.78 -8.52 94.16
C GLN F 57 42.59 -8.01 93.36
N GLN F 58 41.44 -7.88 93.99
CA GLN F 58 40.28 -7.34 93.31
C GLN F 58 40.56 -5.90 92.90
N THR F 59 41.15 -5.15 93.81
CA THR F 59 41.47 -3.76 93.56
C THR F 59 42.47 -3.63 92.43
N LYS F 60 43.48 -4.50 92.43
CA LYS F 60 44.48 -4.52 91.37
C LYS F 60 43.81 -4.84 90.03
N PHE F 61 43.01 -5.90 90.02
CA PHE F 61 42.19 -6.25 88.87
C PHE F 61 41.39 -5.05 88.34
N LEU F 62 40.82 -4.25 89.23
CA LEU F 62 40.07 -3.06 88.80
C LEU F 62 41.02 -1.98 88.25
N SER F 63 41.99 -1.59 89.07
CA SER F 63 43.06 -0.67 88.64
C SER F 63 43.71 -1.06 87.33
N GLU F 64 44.41 -2.21 87.34
CA GLU F 64 45.37 -2.56 86.31
C GLU F 64 44.85 -3.36 85.15
N ILE F 65 43.68 -3.98 85.29
CA ILE F 65 43.13 -4.81 84.23
C ILE F 65 41.90 -4.18 83.59
N LEU F 66 40.84 -3.98 84.36
CA LEU F 66 39.66 -3.37 83.80
C LEU F 66 39.98 -1.98 83.29
N LEU F 67 40.59 -1.18 84.16
CA LEU F 67 40.78 0.22 83.86
C LEU F 67 41.99 0.46 82.96
N ARG F 68 43.18 0.36 83.54
CA ARG F 68 44.42 0.68 82.85
C ARG F 68 44.52 -0.04 81.52
N GLU F 69 44.20 -1.33 81.52
CA GLU F 69 44.38 -2.18 80.36
C GLU F 69 43.11 -2.18 79.51
N GLY F 70 42.02 -2.64 80.09
CA GLY F 70 40.78 -2.88 79.35
C GLY F 70 40.15 -1.67 78.70
N ILE F 71 40.25 -0.53 79.40
CA ILE F 71 39.74 0.75 78.88
C ILE F 71 40.88 1.62 78.35
N GLY F 72 41.84 1.96 79.19
CA GLY F 72 42.98 2.79 78.80
C GLY F 72 43.71 2.41 77.51
N ARG F 73 44.36 1.24 77.48
CA ARG F 73 45.06 0.80 76.26
C ARG F 73 44.06 0.29 75.22
N ASN F 74 43.37 -0.80 75.52
CA ASN F 74 42.57 -1.51 74.50
C ASN F 74 41.48 -0.67 73.83
N LEU F 75 40.88 0.26 74.56
CA LEU F 75 39.77 1.06 74.01
C LEU F 75 40.19 2.49 73.70
N ILE F 76 40.65 3.22 74.71
CA ILE F 76 41.02 4.63 74.54
C ILE F 76 42.13 4.79 73.51
N GLU F 77 43.23 4.06 73.68
CA GLU F 77 44.39 4.21 72.81
C GLU F 77 44.22 3.53 71.45
N GLU F 78 43.77 2.27 71.46
CA GLU F 78 43.66 1.49 70.23
C GLU F 78 42.30 1.68 69.56
N GLU F 79 41.29 0.96 70.03
CA GLU F 79 40.00 0.92 69.34
C GLU F 79 39.41 2.26 69.00
N TRP F 80 39.36 3.20 69.95
CA TRP F 80 38.75 4.50 69.66
C TRP F 80 39.74 5.51 69.08
N SER F 81 40.78 5.83 69.84
CA SER F 81 41.71 6.86 69.37
C SER F 81 42.32 6.49 67.99
N GLN F 82 42.67 5.20 67.80
CA GLN F 82 43.29 4.80 66.56
C GLN F 82 42.27 4.32 65.53
N THR F 83 41.86 3.06 65.65
CA THR F 83 40.97 2.42 64.67
C THR F 83 39.72 3.20 64.25
N VAL F 84 38.99 3.77 65.18
CA VAL F 84 37.74 4.48 64.85
C VAL F 84 37.89 5.96 64.50
N LEU F 85 38.67 6.72 65.26
CA LEU F 85 38.75 8.17 65.04
C LEU F 85 39.79 8.56 63.97
N VAL F 86 40.54 7.58 63.46
CA VAL F 86 41.50 7.82 62.39
C VAL F 86 41.29 6.85 61.23
N ARG F 87 41.59 5.58 61.45
CA ARG F 87 41.61 4.61 60.36
C ARG F 87 40.24 4.54 59.65
N LEU F 88 39.18 4.25 60.41
CA LEU F 88 37.82 4.25 59.87
C LEU F 88 37.43 5.61 59.31
N VAL F 89 37.85 6.70 59.95
CA VAL F 89 37.51 8.03 59.45
C VAL F 89 38.15 8.28 58.09
N ASN F 90 39.41 7.87 57.96
CA ASN F 90 40.11 7.96 56.67
C ASN F 90 39.46 7.15 55.57
N ASP F 91 39.22 5.89 55.87
CA ASP F 91 38.57 5.01 54.92
C ASP F 91 37.28 5.66 54.48
N MET F 92 36.43 6.07 55.42
CA MET F 92 35.15 6.73 55.08
C MET F 92 35.38 7.99 54.25
N LYS F 93 36.25 8.85 54.72
CA LYS F 93 36.62 10.06 53.97
C LYS F 93 36.97 9.70 52.53
N PHE F 94 37.75 8.63 52.38
CA PHE F 94 38.24 8.19 51.09
C PHE F 94 37.14 7.72 50.15
N TRP F 95 36.37 6.74 50.59
CA TRP F 95 35.31 6.22 49.75
C TRP F 95 34.27 7.27 49.37
N GLN F 96 33.87 8.15 50.30
CA GLN F 96 32.89 9.20 49.96
C GLN F 96 33.45 10.09 48.90
N ASN F 97 34.77 10.21 48.87
CA ASN F 97 35.47 10.94 47.81
C ASN F 97 35.48 10.28 46.43
N GLU F 98 35.67 8.95 46.36
CA GLU F 98 35.58 8.25 45.06
C GLU F 98 34.16 8.39 44.48
N ILE F 99 33.16 8.09 45.31
CA ILE F 99 31.76 8.25 44.94
C ILE F 99 31.46 9.67 44.48
N THR F 100 32.14 10.67 45.02
CA THR F 100 32.01 12.03 44.48
C THR F 100 32.72 12.22 43.14
N LYS F 101 33.95 11.71 43.02
CA LYS F 101 34.70 11.81 41.77
C LYS F 101 33.97 11.18 40.61
N MET F 102 33.44 9.97 40.83
CA MET F 102 32.64 9.29 39.81
C MET F 102 31.42 10.13 39.43
N MET F 103 30.64 10.55 40.42
CA MET F 103 29.42 11.34 40.19
C MET F 103 29.69 12.66 39.48
N ASN F 104 30.86 13.26 39.73
CA ASN F 104 31.22 14.49 39.04
C ASN F 104 31.51 14.21 37.60
N LYS F 105 32.12 13.07 37.33
CA LYS F 105 32.52 12.70 35.97
C LYS F 105 31.30 12.48 35.08
N LEU F 106 30.39 11.66 35.58
CA LEU F 106 29.10 11.41 34.92
C LEU F 106 28.31 12.69 34.67
N ASP F 107 28.47 13.70 35.52
CA ASP F 107 27.78 14.97 35.31
C ASP F 107 28.48 15.79 34.27
N ASN F 108 29.80 15.63 34.15
CA ASN F 108 30.57 16.30 33.10
C ASN F 108 31.05 15.32 32.02
N ILE F 109 30.14 14.44 31.60
CA ILE F 109 30.36 13.58 30.44
C ILE F 109 29.57 14.15 29.27
N THR F 110 29.85 13.61 28.09
CA THR F 110 29.20 13.94 26.80
C THR F 110 27.78 14.52 26.84
N ASN F 111 26.95 14.00 27.74
CA ASN F 111 25.49 14.03 27.63
C ASN F 111 25.03 12.69 27.06
N GLU F 112 23.76 12.39 27.34
CA GLU F 112 23.08 11.19 26.90
C GLU F 112 23.37 10.94 25.42
N ILE F 113 23.91 11.96 24.73
CA ILE F 113 24.26 11.94 23.29
C ILE F 113 23.03 11.51 22.47
N ASP F 114 21.84 11.77 23.02
CA ASP F 114 20.59 11.39 22.39
C ASP F 114 19.65 12.61 22.37
N GLN F 115 19.42 13.10 21.14
CA GLN F 115 18.43 14.14 20.77
C GLN F 115 18.84 15.58 21.13
N GLN F 116 18.01 16.26 21.91
CA GLN F 116 18.34 17.59 22.42
C GLN F 116 19.14 17.46 23.71
N HIS F 117 19.98 18.44 23.98
CA HIS F 117 20.97 18.36 25.06
C HIS F 117 20.32 18.08 26.40
N ASN F 118 20.84 17.06 27.07
CA ASN F 118 20.38 16.64 28.36
C ASN F 118 21.58 16.59 29.28
N SER F 119 21.37 17.04 30.52
CA SER F 119 22.45 17.22 31.52
C SER F 119 23.21 15.92 31.82
N LYS F 120 23.90 15.43 30.78
CA LYS F 120 24.83 14.30 30.87
C LYS F 120 24.40 13.07 31.67
N LEU F 121 25.20 12.01 31.57
CA LEU F 121 24.88 10.72 32.18
C LEU F 121 24.38 10.81 33.61
N GLY F 122 24.88 11.79 34.35
CA GLY F 122 24.47 12.03 35.73
C GLY F 122 22.97 12.18 35.97
N ASP F 123 22.24 12.63 34.95
CA ASP F 123 20.78 12.70 35.04
C ASP F 123 20.16 11.34 35.32
N PHE F 124 20.86 10.28 34.94
CA PHE F 124 20.32 8.92 34.97
C PHE F 124 21.02 8.08 36.03
N ILE F 125 21.14 8.66 37.23
CA ILE F 125 21.90 8.07 38.34
C ILE F 125 21.12 8.19 39.67
N SER F 126 21.35 7.26 40.60
CA SER F 126 20.67 7.28 41.90
C SER F 126 21.45 8.08 42.98
N ARG F 127 21.21 9.39 43.02
CA ARG F 127 21.96 10.30 43.92
C ARG F 127 21.78 10.02 45.41
N ASP F 128 20.58 9.57 45.78
CA ASP F 128 20.31 9.17 47.16
C ASP F 128 21.17 7.96 47.51
N SER F 129 21.48 7.80 48.80
CA SER F 129 22.38 6.74 49.28
C SER F 129 23.80 6.83 48.72
N SER F 130 24.13 7.94 48.05
CA SER F 130 25.50 8.22 47.65
C SER F 130 26.06 9.33 48.52
N HIS F 131 25.54 9.48 49.72
CA HIS F 131 26.09 10.40 50.73
C HIS F 131 25.90 9.86 52.15
N ILE F 132 25.80 8.55 52.28
CA ILE F 132 25.69 7.97 53.61
C ILE F 132 27.00 8.10 54.37
N LEU F 133 28.13 8.16 53.68
CA LEU F 133 29.39 8.25 54.39
C LEU F 133 29.62 9.64 54.98
N ASP F 134 29.14 10.68 54.30
CA ASP F 134 29.26 12.04 54.82
C ASP F 134 28.55 12.14 56.16
N SER F 135 27.33 11.61 56.23
CA SER F 135 26.54 11.66 57.47
C SER F 135 27.15 10.85 58.65
N LYS F 136 27.84 9.74 58.38
CA LYS F 136 28.59 9.04 59.44
C LYS F 136 29.89 9.79 59.76
N LEU F 137 30.30 10.70 58.89
CA LEU F 137 31.42 11.59 59.18
C LEU F 137 31.00 12.78 60.04
N ASN F 138 29.79 13.31 59.82
CA ASN F 138 29.23 14.39 60.65
C ASN F 138 28.86 13.93 62.06
N GLU F 139 28.74 12.62 62.21
CA GLU F 139 28.51 12.00 63.50
C GLU F 139 29.78 11.91 64.33
N ILE F 140 30.93 11.68 63.69
CA ILE F 140 32.23 11.52 64.40
C ILE F 140 32.50 12.47 65.58
N PRO F 141 32.39 13.79 65.38
CA PRO F 141 32.75 14.66 66.49
C PRO F 141 31.98 14.32 67.78
N THR F 142 30.73 13.90 67.63
CA THR F 142 29.95 13.41 68.74
C THR F 142 30.62 12.19 69.36
N ILE F 143 31.03 11.23 68.54
CA ILE F 143 31.69 10.02 69.07
C ILE F 143 33.02 10.39 69.74
N ARG F 144 33.76 11.32 69.15
CA ARG F 144 35.02 11.79 69.75
C ARG F 144 34.75 12.36 71.13
N LYS F 145 33.89 13.37 71.19
CA LYS F 145 33.42 14.01 72.43
C LYS F 145 33.06 13.02 73.53
N GLN F 146 32.29 12.02 73.15
CA GLN F 146 31.98 10.88 73.98
C GLN F 146 33.28 10.21 74.45
N VAL F 147 34.21 9.95 73.54
CA VAL F 147 35.45 9.25 73.90
C VAL F 147 36.26 10.10 74.85
N GLU F 148 36.19 11.41 74.69
CA GLU F 148 36.88 12.33 75.59
C GLU F 148 36.29 12.27 77.01
N ASN F 149 34.98 12.42 77.11
CA ASN F 149 34.25 12.19 78.36
C ASN F 149 34.62 10.86 79.03
N ILE F 150 34.51 9.75 78.32
CA ILE F 150 34.97 8.45 78.87
C ILE F 150 36.46 8.51 79.22
N THR F 151 37.27 9.20 78.42
CA THR F 151 38.70 9.24 78.71
C THR F 151 38.95 9.87 80.08
N ARG F 152 38.22 10.94 80.40
CA ARG F 152 38.48 11.68 81.63
C ARG F 152 37.79 11.10 82.87
N GLN F 153 36.68 10.41 82.71
CA GLN F 153 36.06 9.73 83.85
C GLN F 153 36.94 8.59 84.31
N TYR F 154 37.62 7.98 83.34
CA TYR F 154 38.58 6.90 83.58
C TYR F 154 39.78 7.35 84.40
N GLN F 155 40.22 8.59 84.21
CA GLN F 155 41.26 9.14 85.06
C GLN F 155 40.72 9.38 86.46
N THR F 156 39.57 10.05 86.54
CA THR F 156 38.87 10.29 87.81
C THR F 156 38.79 9.00 88.59
N MET F 157 38.24 7.97 87.96
CA MET F 157 38.04 6.71 88.66
C MET F 157 39.37 6.05 89.03
N LEU F 158 40.32 6.01 88.11
CA LEU F 158 41.59 5.33 88.39
C LEU F 158 42.32 5.99 89.57
N ALA F 159 42.14 7.31 89.72
CA ALA F 159 42.72 8.05 90.84
C ALA F 159 42.12 7.58 92.15
N LYS F 160 40.80 7.71 92.27
CA LYS F 160 40.08 7.20 93.43
C LYS F 160 40.55 5.79 93.82
N VAL F 161 40.70 4.90 92.86
CA VAL F 161 41.12 3.52 93.13
C VAL F 161 42.56 3.41 93.64
N GLN F 162 43.46 4.26 93.17
CA GLN F 162 44.82 4.27 93.70
C GLN F 162 44.93 5.16 94.95
N SER F 163 43.82 5.80 95.33
CA SER F 163 43.70 6.57 96.58
C SER F 163 42.77 5.90 97.59
N GLN F 164 42.40 4.66 97.30
CA GLN F 164 41.69 3.75 98.21
C GLN F 164 42.66 2.65 98.60
N LEU F 165 43.39 2.15 97.60
CA LEU F 165 44.56 1.28 97.76
C LEU F 165 45.66 1.91 98.65
N VAL F 166 45.80 3.25 98.62
CA VAL F 166 46.75 3.94 99.51
C VAL F 166 46.17 3.94 100.93
N GLU F 167 44.90 4.30 101.06
CA GLU F 167 44.22 4.38 102.35
C GLU F 167 44.11 3.03 103.08
N SER F 168 43.54 2.04 102.38
CA SER F 168 43.33 0.70 102.94
C SER F 168 44.63 -0.06 103.19
N ARG F 169 45.72 0.34 102.52
CA ARG F 169 47.03 -0.30 102.68
C ARG F 169 47.63 -0.07 104.06
N MET F 170 47.78 1.20 104.43
CA MET F 170 48.28 1.58 105.77
C MET F 170 47.27 1.21 106.88
N LYS F 171 46.04 0.88 106.49
CA LYS F 171 45.00 0.41 107.41
C LYS F 171 45.12 -1.10 107.67
N GLY F 172 45.24 -1.89 106.61
CA GLY F 172 45.41 -3.34 106.72
C GLY F 172 46.73 -3.77 107.34
N LEU F 173 47.77 -2.91 107.26
CA LEU F 173 49.12 -3.23 107.77
C LEU F 173 49.24 -3.03 109.28
N ARG F 174 48.72 -1.90 109.78
CA ARG F 174 48.64 -1.66 111.23
C ARG F 174 47.55 -2.53 111.83
N ASP F 175 46.48 -2.77 111.05
CA ASP F 175 45.47 -3.77 111.40
C ASP F 175 46.12 -5.14 111.56
N GLU F 176 46.83 -5.58 110.53
CA GLU F 176 47.61 -6.82 110.58
C GLU F 176 48.49 -6.87 111.84
N PHE F 177 49.33 -5.84 112.02
CA PHE F 177 50.16 -5.72 113.23
C PHE F 177 49.33 -5.46 114.47
N LYS F 190 50.88 -11.98 120.35
CA LYS F 190 49.86 -13.03 120.39
C LYS F 190 50.49 -14.40 120.65
N LEU F 191 50.42 -14.86 121.89
CA LEU F 191 50.84 -16.20 122.25
C LEU F 191 49.63 -17.14 122.20
N ASN F 192 49.07 -17.34 121.01
CA ASN F 192 47.87 -18.16 120.87
C ASN F 192 48.15 -19.66 120.79
N GLU F 193 49.33 -20.06 120.31
CA GLU F 193 49.73 -21.48 120.30
C GLU F 193 50.22 -21.95 121.68
N GLU F 194 50.89 -21.06 122.41
CA GLU F 194 51.33 -21.35 123.78
C GLU F 194 50.14 -21.56 124.74
N PHE F 195 49.03 -20.88 124.47
CA PHE F 195 47.86 -20.91 125.36
C PHE F 195 47.18 -22.26 125.31
N THR F 196 46.88 -22.72 124.10
CA THR F 196 46.22 -24.01 123.93
C THR F 196 47.07 -25.15 124.51
N ASN F 197 48.38 -24.96 124.65
CA ASN F 197 49.23 -25.91 125.37
C ASN F 197 48.86 -26.03 126.85
N GLU F 198 48.86 -24.90 127.57
CA GLU F 198 48.47 -24.86 128.99
C GLU F 198 47.07 -25.43 129.18
N ALA F 199 46.11 -24.90 128.42
CA ALA F 199 44.74 -25.40 128.43
C ALA F 199 44.68 -26.92 128.43
N ASP F 200 45.48 -27.55 127.57
CA ASP F 200 45.50 -29.01 127.46
C ASP F 200 46.40 -29.68 128.52
N GLN F 201 47.47 -29.01 128.92
CA GLN F 201 48.31 -29.46 130.05
C GLN F 201 47.52 -29.48 131.36
N LEU F 202 46.54 -28.57 131.49
CA LEU F 202 45.61 -28.57 132.61
C LEU F 202 44.51 -29.60 132.37
N GLU F 203 43.98 -29.68 131.16
CA GLU F 203 42.93 -30.67 130.86
C GLU F 203 43.38 -32.10 131.19
N GLN F 204 44.68 -32.35 131.07
CA GLN F 204 45.22 -33.66 131.42
C GLN F 204 45.27 -33.89 132.93
N GLU F 205 45.74 -32.89 133.69
CA GLU F 205 45.76 -32.96 135.16
C GLU F 205 44.41 -33.37 135.72
N LEU F 206 43.37 -32.65 135.34
CA LEU F 206 42.00 -32.98 135.74
C LEU F 206 41.64 -34.43 135.45
N ALA F 207 42.00 -34.89 134.24
CA ALA F 207 41.74 -36.27 133.84
C ALA F 207 42.56 -37.29 134.64
N ASP F 208 43.77 -36.89 135.07
CA ASP F 208 44.60 -37.68 136.00
C ASP F 208 43.86 -37.89 137.31
N PHE F 209 43.54 -36.76 137.96
CA PHE F 209 42.83 -36.75 139.24
C PHE F 209 41.59 -37.65 139.18
N LEU F 210 40.75 -37.50 138.15
CA LEU F 210 39.51 -38.30 138.05
C LEU F 210 39.76 -39.79 137.82
N LYS F 211 40.59 -40.12 136.83
CA LYS F 211 41.02 -41.51 136.62
C LYS F 211 41.63 -42.11 137.89
N SER F 212 42.16 -41.26 138.78
CA SER F 212 42.67 -41.70 140.08
C SER F 212 41.53 -42.10 141.02
N PHE F 213 40.70 -41.13 141.41
CA PHE F 213 39.55 -41.39 142.30
C PHE F 213 38.61 -42.46 141.72
N THR F 214 38.65 -42.65 140.39
CA THR F 214 37.89 -43.71 139.72
C THR F 214 38.48 -45.11 139.96
N ASP F 215 39.79 -45.27 139.73
CA ASP F 215 40.49 -46.54 139.98
C ASP F 215 40.26 -46.95 141.42
N HIS F 216 40.42 -45.97 142.30
CA HIS F 216 40.30 -46.16 143.73
C HIS F 216 38.93 -46.64 144.19
N PHE F 217 37.89 -46.08 143.60
CA PHE F 217 36.54 -46.61 143.76
C PHE F 217 36.47 -48.04 143.25
N ASP F 218 36.96 -48.27 142.03
CA ASP F 218 37.00 -49.62 141.44
C ASP F 218 37.73 -50.62 142.36
N LYS F 219 38.78 -50.16 143.04
CA LYS F 219 39.52 -51.00 143.99
C LYS F 219 38.66 -51.40 145.18
N CYS F 220 37.95 -50.42 145.74
CA CYS F 220 37.04 -50.68 146.85
C CYS F 220 35.82 -51.52 146.44
N SER F 221 35.27 -51.30 145.24
CA SER F 221 34.09 -52.07 144.81
C SER F 221 34.38 -53.57 144.63
N ALA F 222 35.64 -53.94 144.44
CA ALA F 222 36.07 -55.35 144.39
C ALA F 222 36.12 -56.02 145.79
N LEU F 223 36.27 -55.23 146.85
CA LEU F 223 36.28 -55.75 148.23
C LEU F 223 34.87 -56.15 148.67
N SER F 224 33.86 -55.36 148.32
CA SER F 224 32.46 -55.74 148.54
C SER F 224 31.94 -56.70 147.46
N SER F 225 32.72 -56.88 146.39
CA SER F 225 32.45 -57.89 145.37
C SER F 225 33.43 -59.06 145.51
N PHE F 237 43.43 -54.36 149.30
CA PHE F 237 43.05 -53.99 150.66
C PHE F 237 44.12 -53.13 151.34
N GLU F 238 45.29 -53.70 151.58
CA GLU F 238 46.40 -52.97 152.22
C GLU F 238 46.79 -51.70 151.46
N ILE F 239 46.62 -51.74 150.14
CA ILE F 239 46.82 -50.57 149.31
C ILE F 239 45.77 -49.50 149.60
N VAL F 240 44.50 -49.90 149.47
CA VAL F 240 43.36 -48.98 149.53
C VAL F 240 43.27 -48.26 150.88
N GLU F 241 43.81 -48.88 151.93
CA GLU F 241 43.78 -48.33 153.29
C GLU F 241 44.68 -47.11 153.50
N ARG F 242 45.90 -47.18 152.97
CA ARG F 242 46.88 -46.08 153.11
C ARG F 242 46.36 -44.79 152.47
N ASP F 243 45.70 -44.94 151.34
CA ASP F 243 45.17 -43.82 150.55
C ASP F 243 43.95 -43.14 151.16
N ASP F 244 43.06 -43.93 151.79
CA ASP F 244 41.86 -43.41 152.47
C ASP F 244 42.19 -42.19 153.36
N LYS F 245 43.28 -42.27 154.12
CA LYS F 245 43.76 -41.14 154.94
C LYS F 245 44.29 -39.99 154.07
N ASP F 246 44.89 -40.32 152.92
CA ASP F 246 45.40 -39.33 151.96
C ASP F 246 44.32 -38.71 151.07
N LEU F 247 43.18 -39.38 150.92
CA LEU F 247 42.13 -38.98 149.97
C LEU F 247 41.52 -37.58 150.22
N ALA F 248 41.67 -37.04 151.42
CA ALA F 248 41.27 -35.66 151.71
C ALA F 248 42.24 -34.67 151.06
N ALA F 249 43.54 -34.92 151.25
CA ALA F 249 44.60 -34.07 150.72
C ALA F 249 44.71 -34.09 149.18
N ILE F 250 44.46 -35.25 148.56
CA ILE F 250 44.48 -35.39 147.08
C ILE F 250 43.40 -34.53 146.45
N ASN F 251 42.20 -34.60 147.01
CA ASN F 251 41.07 -33.68 146.69
C ASN F 251 41.46 -32.21 146.91
N SER F 252 42.08 -31.89 148.05
CA SER F 252 42.46 -30.50 148.34
C SER F 252 43.42 -29.90 147.30
N LEU F 253 44.12 -30.76 146.54
CA LEU F 253 44.98 -30.32 145.43
C LEU F 253 44.24 -30.25 144.07
N LEU F 254 43.10 -30.95 143.99
CA LEU F 254 42.16 -30.83 142.88
C LEU F 254 41.47 -29.47 142.96
N GLN F 255 41.12 -29.07 144.18
CA GLN F 255 40.54 -27.75 144.44
C GLN F 255 41.50 -26.61 144.07
N ASP F 256 42.81 -26.86 144.23
CA ASP F 256 43.86 -25.92 143.82
C ASP F 256 43.92 -25.82 142.30
N ALA F 257 44.02 -26.98 141.65
CA ALA F 257 44.05 -27.06 140.19
C ALA F 257 42.79 -26.45 139.55
N ALA F 258 41.67 -26.53 140.27
CA ALA F 258 40.43 -25.88 139.84
C ALA F 258 40.51 -24.35 139.94
N ILE F 259 41.19 -23.84 140.96
CA ILE F 259 41.40 -22.40 141.11
C ILE F 259 42.36 -21.90 140.02
N ASP F 260 43.33 -22.74 139.65
CA ASP F 260 44.29 -22.45 138.57
C ASP F 260 43.59 -22.37 137.20
N VAL F 261 42.82 -23.41 136.87
CA VAL F 261 41.91 -23.40 135.71
C VAL F 261 40.99 -22.19 135.69
N ALA F 262 40.50 -21.79 136.86
CA ALA F 262 39.57 -20.67 136.97
C ALA F 262 40.26 -19.34 136.66
N SER F 263 41.53 -19.23 137.04
CA SER F 263 42.37 -18.03 136.78
C SER F 263 43.04 -18.03 135.39
N PHE F 264 43.26 -19.22 134.82
CA PHE F 264 43.66 -19.35 133.42
C PHE F 264 42.57 -18.77 132.52
N VAL F 265 41.36 -19.30 132.65
CA VAL F 265 40.21 -18.84 131.86
C VAL F 265 39.90 -17.36 132.07
N ARG F 266 40.16 -16.83 133.27
CA ARG F 266 39.93 -15.40 133.55
C ARG F 266 40.72 -14.56 132.56
N LYS F 267 42.04 -14.78 132.53
CA LYS F 267 42.95 -13.99 131.71
C LYS F 267 42.73 -14.18 130.22
N VAL F 268 42.57 -15.42 129.76
CA VAL F 268 42.37 -15.68 128.33
C VAL F 268 41.08 -15.06 127.80
N ASN F 269 39.99 -15.25 128.52
CA ASN F 269 38.73 -14.63 128.12
C ASN F 269 38.77 -13.11 128.13
N MET F 270 39.65 -12.52 128.94
CA MET F 270 39.89 -11.06 128.88
C MET F 270 40.56 -10.58 127.58
N LEU F 271 41.66 -11.22 127.16
CA LEU F 271 42.31 -10.88 125.90
C LEU F 271 41.30 -11.04 124.76
N LEU F 272 40.67 -12.20 124.69
CA LEU F 272 39.66 -12.47 123.66
C LEU F 272 38.42 -11.56 123.77
N ASP F 273 38.02 -11.19 124.99
CA ASP F 273 36.93 -10.21 125.17
C ASP F 273 37.29 -8.91 124.44
N GLU F 274 38.55 -8.50 124.61
CA GLU F 274 39.08 -7.27 124.00
C GLU F 274 39.24 -7.38 122.47
N ARG F 275 39.65 -8.54 121.96
CA ARG F 275 39.73 -8.74 120.51
C ARG F 275 38.40 -8.49 119.83
N ASP F 276 37.30 -8.93 120.45
CA ASP F 276 35.97 -8.81 119.83
C ASP F 276 35.60 -7.37 119.51
N ALA F 277 36.07 -6.42 120.31
CA ALA F 277 35.89 -4.99 120.00
C ALA F 277 36.48 -4.65 118.64
N ASP F 278 37.61 -5.31 118.32
CA ASP F 278 38.33 -5.09 117.07
C ASP F 278 37.66 -5.78 115.88
N LYS F 279 37.47 -7.10 115.99
CA LYS F 279 36.70 -7.82 114.98
C LYS F 279 35.51 -6.95 114.56
N ALA F 280 34.82 -6.34 115.53
CA ALA F 280 33.57 -5.61 115.27
C ALA F 280 33.72 -4.29 114.54
N LYS F 281 34.85 -3.61 114.77
CA LYS F 281 35.16 -2.36 114.09
C LYS F 281 35.90 -2.65 112.77
N MET F 282 36.75 -3.69 112.78
CA MET F 282 37.45 -4.14 111.55
C MET F 282 36.44 -4.57 110.46
N GLN F 283 35.50 -5.42 110.84
CA GLN F 283 34.44 -5.87 109.92
C GLN F 283 33.67 -4.70 109.36
N ALA F 284 33.32 -3.74 110.20
CA ALA F 284 32.60 -2.55 109.73
C ALA F 284 33.38 -1.82 108.64
N THR F 285 34.71 -1.88 108.73
CA THR F 285 35.56 -1.19 107.76
C THR F 285 35.58 -1.97 106.45
N LEU F 286 35.63 -3.29 106.54
CA LEU F 286 35.48 -4.10 105.33
C LEU F 286 34.16 -3.79 104.69
N SER F 287 33.07 -3.86 105.46
CA SER F 287 31.74 -3.65 104.89
C SER F 287 31.68 -2.37 104.12
N LYS F 288 32.29 -1.31 104.62
CA LYS F 288 32.35 -0.05 103.87
C LYS F 288 33.21 -0.24 102.61
N LEU F 289 34.40 -0.79 102.80
CA LEU F 289 35.36 -1.05 101.71
C LEU F 289 34.73 -1.84 100.58
N LEU F 290 34.20 -3.01 100.87
CA LEU F 290 33.62 -3.85 99.82
C LEU F 290 32.53 -3.12 99.06
N THR F 291 31.78 -2.28 99.77
CA THR F 291 30.67 -1.55 99.16
C THR F 291 31.19 -0.54 98.16
N GLU F 292 32.32 0.07 98.47
CA GLU F 292 32.97 0.97 97.54
C GLU F 292 33.37 0.24 96.28
N LEU F 293 33.85 -0.99 96.42
CA LEU F 293 34.21 -1.80 95.24
C LEU F 293 33.01 -2.06 94.35
N ARG F 294 31.88 -2.39 94.95
CA ARG F 294 30.64 -2.55 94.17
C ARG F 294 30.19 -1.28 93.48
N LYS F 295 30.14 -0.18 94.22
CA LYS F 295 29.61 1.07 93.68
C LYS F 295 30.17 1.38 92.30
N HIS F 296 31.43 0.99 92.09
CA HIS F 296 32.13 1.09 90.79
C HIS F 296 31.42 0.33 89.68
N GLU F 297 30.97 -0.89 89.94
CA GLU F 297 30.47 -1.68 88.83
C GLU F 297 29.41 -0.89 88.03
N GLU F 298 28.53 -0.14 88.69
CA GLU F 298 27.56 0.71 87.98
C GLU F 298 28.25 1.67 87.00
N TYR F 299 29.21 2.43 87.51
CA TYR F 299 30.00 3.39 86.72
C TYR F 299 30.67 2.78 85.48
N ILE F 300 31.30 1.64 85.71
CA ILE F 300 31.98 0.88 84.66
C ILE F 300 31.00 0.48 83.58
N SER F 301 29.83 0.01 83.99
CA SER F 301 28.88 -0.51 83.02
C SER F 301 28.43 0.60 82.05
N VAL F 302 28.39 1.85 82.51
CA VAL F 302 28.10 2.95 81.59
C VAL F 302 29.22 3.05 80.55
N PHE F 303 30.47 2.86 80.98
CA PHE F 303 31.59 2.82 80.03
C PHE F 303 31.38 1.72 78.98
N GLU F 304 31.30 0.46 79.40
CA GLU F 304 30.97 -0.62 78.46
C GLU F 304 29.75 -0.23 77.61
N GLY F 305 28.75 0.39 78.25
CA GLY F 305 27.55 0.90 77.58
C GLY F 305 27.89 1.71 76.33
N ILE F 306 28.63 2.78 76.54
CA ILE F 306 29.11 3.65 75.46
C ILE F 306 30.12 2.96 74.56
N SER F 307 30.81 1.95 75.08
CA SER F 307 31.75 1.21 74.26
C SER F 307 31.02 0.46 73.16
N ALA F 308 29.98 -0.27 73.54
CA ALA F 308 29.19 -1.02 72.57
C ALA F 308 28.47 -0.08 71.61
N LEU F 309 28.08 1.10 72.09
CA LEU F 309 27.41 2.08 71.25
C LEU F 309 28.33 2.51 70.10
N ILE F 310 29.61 2.57 70.40
CA ILE F 310 30.59 2.90 69.38
C ILE F 310 30.77 1.70 68.47
N GLN F 311 31.09 0.54 69.03
CA GLN F 311 31.32 -0.66 68.21
C GLN F 311 30.17 -0.96 67.23
N LYS F 312 29.00 -0.39 67.52
CA LYS F 312 27.83 -0.45 66.66
C LYS F 312 28.00 0.55 65.52
N PHE F 313 28.22 1.81 65.88
CA PHE F 313 28.56 2.85 64.91
C PHE F 313 29.71 2.43 63.99
N LYS F 314 30.68 1.68 64.51
CA LYS F 314 31.78 1.18 63.69
C LYS F 314 31.29 0.18 62.66
N ALA F 315 30.74 -0.95 63.09
CA ALA F 315 30.25 -1.95 62.13
C ALA F 315 29.23 -1.36 61.15
N SER F 316 28.47 -0.37 61.61
CA SER F 316 27.53 0.35 60.76
C SER F 316 28.29 1.12 59.68
N CYS F 317 29.38 1.77 60.05
CA CYS F 317 30.18 2.51 59.09
C CYS F 317 30.83 1.62 58.04
N LEU F 318 31.27 0.45 58.46
CA LEU F 318 31.88 -0.51 57.53
C LEU F 318 30.83 -1.08 56.57
N GLU F 319 29.60 -1.16 57.03
CA GLU F 319 28.48 -1.59 56.21
C GLU F 319 28.09 -0.47 55.25
N ASP F 320 28.13 0.76 55.73
CA ASP F 320 27.88 1.90 54.85
C ASP F 320 28.99 2.04 53.82
N ILE F 321 30.18 1.54 54.13
CA ILE F 321 31.33 1.55 53.20
C ILE F 321 31.19 0.46 52.15
N ARG F 322 31.01 -0.77 52.58
CA ARG F 322 30.76 -1.88 51.65
C ARG F 322 29.74 -1.44 50.62
N GLN F 323 28.58 -1.03 51.09
CA GLN F 323 27.47 -0.63 50.25
C GLN F 323 27.87 0.49 49.26
N THR F 324 28.59 1.49 49.74
CA THR F 324 29.05 2.56 48.85
C THR F 324 30.02 2.05 47.79
N ARG F 325 30.78 0.99 48.10
CA ARG F 325 31.67 0.41 47.08
C ARG F 325 30.91 -0.35 46.00
N ASN F 326 29.80 -0.99 46.35
CA ASN F 326 28.92 -1.56 45.35
C ASN F 326 28.34 -0.44 44.47
N LEU F 327 27.78 0.56 45.12
CA LEU F 327 27.19 1.67 44.41
C LEU F 327 28.22 2.24 43.43
N LEU F 328 29.48 2.24 43.86
CA LEU F 328 30.58 2.65 42.98
C LEU F 328 30.70 1.75 41.78
N ASP F 329 30.58 0.45 42.00
CA ASP F 329 30.64 -0.53 40.91
C ASP F 329 29.48 -0.38 39.92
N PHE F 330 28.27 -0.31 40.46
CA PHE F 330 27.07 -0.14 39.64
C PHE F 330 27.20 1.08 38.72
N TYR F 331 27.66 2.21 39.28
CA TYR F 331 27.90 3.41 38.47
C TYR F 331 28.83 3.12 37.31
N ALA F 332 29.81 2.26 37.55
CA ALA F 332 30.81 1.92 36.54
C ALA F 332 30.18 1.07 35.46
N ASN F 333 29.53 -0.01 35.87
CA ASN F 333 28.76 -0.81 34.95
C ASN F 333 27.83 0.05 34.09
N PHE F 334 27.11 0.96 34.74
CA PHE F 334 26.20 1.86 34.02
C PHE F 334 26.90 2.63 32.90
N GLU F 335 28.12 3.04 33.15
CA GLU F 335 28.88 3.75 32.14
C GLU F 335 29.32 2.81 31.01
N ARG F 336 29.83 1.65 31.36
CA ARG F 336 30.16 0.63 30.37
C ARG F 336 28.91 0.36 29.57
N SER F 337 27.86 -0.03 30.29
CA SER F 337 26.55 -0.38 29.74
C SER F 337 25.89 0.74 28.92
N TYR F 338 26.29 1.99 29.14
CA TYR F 338 25.90 3.09 28.25
C TYR F 338 26.65 3.07 26.92
N HIS F 339 27.92 2.70 26.94
CA HIS F 339 28.67 2.59 25.70
C HIS F 339 28.12 1.48 24.84
N ASN F 340 27.66 0.43 25.47
CA ASN F 340 26.93 -0.62 24.80
C ASN F 340 25.56 -0.19 24.22
N LEU F 341 24.95 0.80 24.86
CA LEU F 341 23.74 1.41 24.34
C LEU F 341 24.04 2.16 23.06
N LEU F 342 25.14 2.90 23.04
CA LEU F 342 25.52 3.65 21.84
C LEU F 342 25.74 2.72 20.66
N LYS F 343 26.46 1.63 20.91
CA LYS F 343 26.74 0.67 19.84
C LYS F 343 25.45 0.00 19.39
N GLU F 344 24.54 -0.21 20.32
CA GLU F 344 23.27 -0.87 19.99
C GLU F 344 22.34 0.08 19.25
N VAL F 345 22.34 1.36 19.61
CA VAL F 345 21.54 2.33 18.86
C VAL F 345 21.99 2.29 17.42
N LYS F 346 23.29 2.48 17.19
CA LYS F 346 23.88 2.39 15.86
C LYS F 346 23.52 1.10 15.11
N ARG F 347 23.63 -0.04 15.78
CA ARG F 347 23.21 -1.31 15.19
C ARG F 347 21.72 -1.23 14.78
N ARG F 348 20.87 -0.75 15.69
CA ARG F 348 19.44 -0.63 15.41
C ARG F 348 19.16 0.26 14.20
N LYS F 349 19.91 1.36 14.07
CA LYS F 349 19.85 2.21 12.89
C LYS F 349 20.25 1.42 11.64
N GLU F 350 21.40 0.75 11.68
CA GLU F 350 21.88 -0.04 10.55
C GLU F 350 20.85 -1.08 10.11
N THR F 351 20.16 -1.66 11.08
CA THR F 351 19.10 -2.61 10.83
C THR F 351 18.00 -1.95 10.01
N ALA F 352 17.66 -0.71 10.34
CA ALA F 352 16.60 0.01 9.63
C ALA F 352 17.00 0.38 8.21
N ALA F 353 18.24 0.82 8.01
CA ALA F 353 18.75 1.12 6.67
C ALA F 353 18.71 -0.12 5.77
N LYS F 354 18.91 -1.27 6.37
CA LYS F 354 18.92 -2.54 5.63
C LYS F 354 17.51 -2.95 5.25
N LEU F 355 16.60 -2.73 6.19
CA LEU F 355 15.17 -2.97 6.03
C LEU F 355 14.58 -2.04 4.97
N SER F 356 15.12 -0.84 4.88
CA SER F 356 14.58 0.14 3.95
C SER F 356 14.99 -0.20 2.54
N GLN F 357 16.30 -0.32 2.33
CA GLN F 357 16.86 -0.79 1.07
C GLN F 357 16.18 -2.05 0.51
N ILE F 358 15.76 -2.96 1.38
CA ILE F 358 14.94 -4.12 0.96
C ILE F 358 13.63 -3.68 0.31
N LEU F 359 12.92 -2.78 0.99
CA LEU F 359 11.61 -2.36 0.53
C LEU F 359 11.78 -1.53 -0.70
N LYS F 360 12.56 -0.46 -0.58
CA LYS F 360 12.87 0.38 -1.74
C LYS F 360 13.25 -0.47 -2.96
N SER F 361 13.88 -1.63 -2.75
CA SER F 361 14.27 -2.49 -3.85
C SER F 361 13.09 -3.26 -4.43
N CYS F 362 12.37 -3.98 -3.59
CA CYS F 362 11.14 -4.64 -3.98
C CYS F 362 10.15 -3.67 -4.63
N GLU F 363 10.10 -2.44 -4.14
CA GLU F 363 9.23 -1.41 -4.75
C GLU F 363 9.56 -1.27 -6.22
N THR F 364 10.82 -1.02 -6.53
CA THR F 364 11.28 -0.82 -7.91
C THR F 364 11.04 -2.03 -8.82
N GLN F 365 11.17 -3.20 -8.23
CA GLN F 365 10.91 -4.44 -8.91
C GLN F 365 9.49 -4.48 -9.42
N LEU F 366 8.56 -4.02 -8.59
CA LEU F 366 7.12 -4.03 -8.89
C LEU F 366 6.70 -2.90 -9.82
N GLU F 367 7.17 -1.68 -9.56
CA GLU F 367 7.04 -0.62 -10.55
C GLU F 367 7.47 -1.12 -11.92
N GLN F 368 8.65 -1.75 -11.96
CA GLN F 368 9.27 -2.24 -13.20
C GLN F 368 8.41 -3.27 -13.92
N ILE F 369 7.72 -4.11 -13.16
CA ILE F 369 6.76 -5.04 -13.76
C ILE F 369 5.50 -4.31 -14.17
N ASN F 370 4.96 -3.46 -13.31
CA ASN F 370 3.77 -2.71 -13.71
C ASN F 370 3.92 -1.96 -15.01
N THR F 371 4.88 -1.04 -15.08
CA THR F 371 5.22 -0.33 -16.32
C THR F 371 5.19 -1.18 -17.61
N ALA F 372 5.88 -2.33 -17.56
CA ALA F 372 5.88 -3.25 -18.70
C ALA F 372 4.53 -3.92 -18.91
N ASP F 373 3.81 -4.15 -17.82
CA ASP F 373 2.49 -4.74 -17.88
C ASP F 373 1.56 -3.80 -18.61
N LEU F 374 1.50 -2.55 -18.19
CA LEU F 374 0.61 -1.59 -18.84
C LEU F 374 0.91 -1.49 -20.30
N ARG F 375 2.20 -1.44 -20.66
CA ARG F 375 2.58 -1.37 -22.08
C ARG F 375 1.91 -2.49 -22.85
N GLU F 376 1.97 -3.69 -22.29
CA GLU F 376 1.43 -4.89 -22.95
C GLU F 376 -0.09 -4.79 -23.13
N ARG F 377 -0.76 -4.06 -22.24
CA ARG F 377 -2.21 -3.90 -22.29
C ARG F 377 -2.60 -2.86 -23.30
N GLN F 378 -1.95 -1.70 -23.24
CA GLN F 378 -2.13 -0.65 -24.24
C GLN F 378 -1.81 -1.16 -25.65
N MET F 379 -0.97 -2.18 -25.73
CA MET F 379 -0.56 -2.80 -26.98
C MET F 379 -1.60 -3.82 -27.44
N PHE F 380 -2.27 -4.45 -26.47
CA PHE F 380 -3.34 -5.42 -26.74
C PHE F 380 -4.59 -4.73 -27.22
N LEU F 381 -4.96 -3.65 -26.53
CA LEU F 381 -6.13 -2.85 -26.88
C LEU F 381 -6.01 -2.23 -28.26
N LEU F 382 -4.87 -1.63 -28.55
CA LEU F 382 -4.61 -1.10 -29.90
C LEU F 382 -4.85 -2.16 -30.95
N GLU F 383 -4.30 -3.34 -30.75
CA GLU F 383 -4.32 -4.39 -31.79
C GLU F 383 -5.63 -5.19 -31.82
N ASN F 384 -6.40 -5.14 -30.76
CA ASN F 384 -7.69 -5.81 -30.72
C ASN F 384 -8.67 -4.75 -30.32
N GLY F 385 -9.39 -4.92 -29.22
CA GLY F 385 -10.20 -3.84 -28.60
C GLY F 385 -11.18 -3.08 -29.48
N ASN F 386 -11.25 -3.52 -30.72
CA ASN F 386 -11.96 -2.86 -31.80
C ASN F 386 -12.90 -3.86 -32.42
N TYR F 387 -12.72 -5.13 -32.05
CA TYR F 387 -13.60 -6.20 -32.45
C TYR F 387 -14.18 -6.84 -31.19
N LEU F 388 -13.77 -6.34 -30.02
CA LEU F 388 -14.20 -6.89 -28.75
C LEU F 388 -14.96 -5.86 -27.91
N PRO F 389 -16.16 -6.21 -27.45
CA PRO F 389 -16.98 -5.30 -26.68
C PRO F 389 -16.66 -5.35 -25.21
N GLU F 390 -16.83 -4.23 -24.51
CA GLU F 390 -16.57 -4.24 -23.08
C GLU F 390 -17.38 -5.33 -22.36
N THR F 391 -18.45 -5.79 -23.00
CA THR F 391 -19.31 -6.81 -22.44
C THR F 391 -18.64 -8.13 -22.19
N ILE F 392 -17.66 -8.48 -23.02
CA ILE F 392 -17.05 -9.81 -22.98
C ILE F 392 -16.19 -10.05 -21.74
N TRP F 393 -15.67 -8.96 -21.17
CA TRP F 393 -14.83 -9.00 -19.98
C TRP F 393 -14.96 -7.68 -19.20
N PRO F 394 -16.16 -7.41 -18.63
CA PRO F 394 -16.65 -6.16 -18.10
C PRO F 394 -15.65 -5.04 -17.86
N ASP F 395 -15.06 -4.92 -16.68
CA ASP F 395 -14.32 -3.69 -16.37
C ASP F 395 -12.80 -3.77 -16.61
N GLU F 396 -12.28 -4.99 -16.51
CA GLU F 396 -10.86 -5.24 -16.63
C GLU F 396 -10.30 -4.89 -18.01
N ILE F 397 -11.01 -5.29 -19.07
CA ILE F 397 -10.50 -5.17 -20.44
C ILE F 397 -9.74 -3.86 -20.74
N GLY F 398 -10.25 -2.73 -20.23
CA GLY F 398 -9.57 -1.46 -20.45
C GLY F 398 -8.97 -0.85 -19.20
N SER F 399 -8.74 -1.66 -18.17
CA SER F 399 -8.59 -1.17 -16.78
C SER F 399 -7.41 -0.24 -16.57
N LEU F 400 -6.27 -0.56 -17.17
CA LEU F 400 -5.07 0.24 -16.97
C LEU F 400 -4.56 0.43 -15.51
N SER F 401 -5.41 0.28 -14.49
CA SER F 401 -4.95 0.40 -13.11
C SER F 401 -4.12 -0.85 -12.77
N PRO F 402 -3.09 -0.69 -11.90
CA PRO F 402 -2.12 -1.72 -11.55
C PRO F 402 -2.67 -2.85 -10.70
N LEU F 403 -1.98 -4.00 -10.70
CA LEU F 403 -2.55 -5.20 -10.08
C LEU F 403 -2.27 -5.32 -8.59
N TYR F 404 -1.41 -4.42 -8.07
CA TYR F 404 -0.91 -4.50 -6.68
C TYR F 404 -0.87 -3.11 -6.02
N THR F 405 -1.14 -3.12 -4.72
CA THR F 405 -1.00 -1.91 -3.91
C THR F 405 0.01 -2.21 -2.79
N LEU F 406 0.97 -1.31 -2.61
CA LEU F 406 2.06 -1.53 -1.65
C LEU F 406 2.28 -0.33 -0.76
N ASN F 407 2.13 -0.54 0.55
CA ASN F 407 2.41 0.49 1.55
C ASN F 407 3.42 -0.01 2.59
N TYR F 408 4.49 0.75 2.77
CA TYR F 408 5.46 0.41 3.80
C TYR F 408 6.05 1.63 4.50
N GLU F 409 6.06 1.59 5.84
CA GLU F 409 6.80 2.57 6.65
C GLU F 409 7.92 1.87 7.38
N VAL F 410 9.07 2.52 7.41
CA VAL F 410 10.21 2.07 8.19
C VAL F 410 10.51 3.18 9.19
N ARG F 411 10.34 2.90 10.49
CA ARG F 411 10.51 3.93 11.52
C ARG F 411 11.96 4.47 11.53
N LYS F 412 12.08 5.75 11.87
CA LYS F 412 13.37 6.41 11.92
C LYS F 412 14.03 6.05 13.24
N VAL F 413 15.36 5.99 13.25
CA VAL F 413 16.14 5.87 14.48
C VAL F 413 17.43 6.67 14.31
N SER G 5 -42.16 45.19 -139.83
CA SER G 5 -43.50 45.13 -139.16
C SER G 5 -43.37 44.75 -137.71
N SER G 6 -44.49 44.79 -137.00
CA SER G 6 -44.55 44.42 -135.59
C SER G 6 -45.36 43.13 -135.36
N PHE G 7 -45.94 42.57 -136.43
CA PHE G 7 -46.72 41.33 -136.33
C PHE G 7 -46.07 40.16 -137.08
N GLY G 8 -44.78 39.98 -136.84
CA GLY G 8 -44.00 38.91 -137.46
C GLY G 8 -44.13 37.60 -136.70
N ARG G 9 -43.79 37.62 -135.42
CA ARG G 9 -43.89 36.44 -134.54
C ARG G 9 -45.31 35.82 -134.57
N LEU G 10 -46.27 36.56 -135.12
CA LEU G 10 -47.63 36.06 -135.38
C LEU G 10 -47.90 35.93 -136.87
#